data_3VPC
#
_entry.id   3VPC
#
_cell.length_a   63.266
_cell.length_b   67.845
_cell.length_c   80.032
_cell.angle_alpha   87.77
_cell.angle_beta   75.29
_cell.angle_gamma   67.03
#
_symmetry.space_group_name_H-M   'P 1'
#
loop_
_entity.id
_entity.type
_entity.pdbx_description
1 polymer 'Putative acetylornithine deacetylase'
2 non-polymer "ADENOSINE-5'-DIPHOSPHATE"
3 water water
#
_entity_poly.entity_id   1
_entity_poly.type   'polypeptide(L)'
_entity_poly.pdbx_seq_one_letter_code
;MRVVLIVDIVRQEEKLIAKALEENKVQYDIINVAQEPLPFNKALGRYDVAIIRPVSMYRALYSSAVLEAAGVHTINSSDV
INVCGDKILTYSKLYREGIPIPDSIIALSAEAALKAYEQRGFPLIDKPPIGSWGRLVSLIRDVFEGKTIIEHRELMGNSA
LKAHIVQEYIQYKGRDIRCIAIGEELLGCYARNIPPNEWRANVALGGTPSNIEVDEKLKETVVKAVSIVHGEFVSIDILE
HPNKGYVVNELNDVPEFKGFMVATNINVAQKLVEYIKENYSK
;
_entity_poly.pdbx_strand_id   A,B,C,D
#
loop_
_chem_comp.id
_chem_comp.type
_chem_comp.name
_chem_comp.formula
ADP non-polymer ADENOSINE-5'-DIPHOSPHATE 'C10 H15 N5 O10 P2'
#
# COMPACT_ATOMS: atom_id res chain seq x y z
N MET A 1 29.93 -1.30 34.53
CA MET A 1 29.09 -1.57 33.33
C MET A 1 27.78 -0.81 33.44
N ARG A 2 27.35 -0.23 32.31
CA ARG A 2 26.01 0.30 32.20
C ARG A 2 25.34 -0.13 30.92
N VAL A 3 24.05 -0.43 31.03
CA VAL A 3 23.28 -0.97 29.92
C VAL A 3 22.31 0.13 29.46
N VAL A 4 21.94 0.12 28.19
CA VAL A 4 20.78 0.90 27.71
C VAL A 4 19.76 -0.10 27.16
N LEU A 5 18.53 0.06 27.59
CA LEU A 5 17.45 -0.76 27.11
C LEU A 5 16.67 0.08 26.09
N ILE A 6 16.60 -0.43 24.86
CA ILE A 6 16.00 0.32 23.74
C ILE A 6 14.61 -0.24 23.49
N VAL A 7 13.59 0.61 23.60
CA VAL A 7 12.20 0.16 23.53
C VAL A 7 11.41 1.09 22.57
N ASP A 8 10.22 0.68 22.18
CA ASP A 8 9.22 1.59 21.60
C ASP A 8 7.85 1.39 22.26
N ILE A 9 7.34 0.16 22.18
CA ILE A 9 6.16 -0.23 22.96
C ILE A 9 6.60 -1.19 24.06
N VAL A 10 6.42 -0.75 25.31
CA VAL A 10 6.89 -1.49 26.46
C VAL A 10 5.90 -2.64 26.79
N ARG A 11 6.28 -3.87 26.44
CA ARG A 11 5.45 -5.02 26.75
C ARG A 11 5.95 -5.65 28.05
N GLN A 12 5.30 -6.74 28.47
CA GLN A 12 5.73 -7.47 29.66
C GLN A 12 7.20 -7.81 29.59
N GLU A 13 7.63 -8.36 28.45
CA GLU A 13 9.04 -8.72 28.22
C GLU A 13 9.98 -7.58 28.56
N GLU A 14 9.67 -6.37 28.08
CA GLU A 14 10.50 -5.21 28.37
C GLU A 14 10.48 -4.81 29.86
N LYS A 15 9.29 -4.82 30.46
CA LYS A 15 9.14 -4.61 31.91
C LYS A 15 9.97 -5.63 32.67
N LEU A 16 9.83 -6.92 32.32
CA LEU A 16 10.62 -8.00 32.90
C LEU A 16 12.13 -7.84 32.78
N ILE A 17 12.61 -7.44 31.59
CA ILE A 17 14.04 -7.13 31.42
C ILE A 17 14.49 -5.92 32.29
N ALA A 18 13.67 -4.87 32.34
CA ALA A 18 13.98 -3.70 33.19
C ALA A 18 14.08 -4.14 34.66
N LYS A 19 13.12 -4.94 35.09
CA LYS A 19 13.05 -5.47 36.46
CA LYS A 19 13.08 -5.43 36.47
C LYS A 19 14.28 -6.30 36.79
N ALA A 20 14.66 -7.21 35.88
CA ALA A 20 15.84 -8.04 36.06
C ALA A 20 17.10 -7.18 36.19
N LEU A 21 17.16 -6.08 35.44
CA LEU A 21 18.30 -5.19 35.54
C LEU A 21 18.36 -4.54 36.93
N GLU A 22 17.20 -4.09 37.39
CA GLU A 22 17.05 -3.44 38.69
C GLU A 22 17.41 -4.41 39.83
N GLU A 23 16.77 -5.59 39.84
CA GLU A 23 17.02 -6.61 40.87
C GLU A 23 18.48 -7.09 40.91
N ASN A 24 19.16 -7.08 39.77
CA ASN A 24 20.55 -7.52 39.71
C ASN A 24 21.57 -6.38 39.81
N LYS A 25 21.09 -5.20 40.20
CA LYS A 25 21.95 -4.06 40.55
C LYS A 25 22.76 -3.52 39.37
N VAL A 26 22.15 -3.59 38.20
CA VAL A 26 22.80 -3.19 36.96
C VAL A 26 22.41 -1.75 36.66
N GLN A 27 23.41 -0.89 36.44
CA GLN A 27 23.20 0.49 36.00
C GLN A 27 22.58 0.43 34.61
N TYR A 28 21.42 1.06 34.42
CA TYR A 28 20.81 1.08 33.07
C TYR A 28 19.93 2.30 32.86
N ASP A 29 19.84 2.71 31.60
CA ASP A 29 18.88 3.70 31.12
C ASP A 29 17.92 3.07 30.11
N ILE A 30 16.77 3.70 29.92
CA ILE A 30 15.87 3.32 28.83
C ILE A 30 15.88 4.48 27.83
N ILE A 31 16.01 4.15 26.53
CA ILE A 31 15.72 5.12 25.49
C ILE A 31 14.52 4.55 24.75
N ASN A 32 13.45 5.33 24.73
CA ASN A 32 12.28 5.02 23.92
C ASN A 32 12.40 5.66 22.52
N VAL A 33 12.69 4.83 21.52
CA VAL A 33 12.94 5.34 20.16
C VAL A 33 11.67 5.65 19.36
N ALA A 34 10.50 5.35 19.93
CA ALA A 34 9.26 5.93 19.42
C ALA A 34 9.07 7.39 19.88
N GLN A 35 9.89 7.81 20.84
CA GLN A 35 9.83 9.17 21.40
C GLN A 35 11.05 10.05 21.14
N GLU A 36 12.25 9.46 21.09
CA GLU A 36 13.47 10.25 20.96
C GLU A 36 14.19 9.94 19.66
N PRO A 37 14.75 10.98 19.01
CA PRO A 37 15.61 10.70 17.86
C PRO A 37 16.98 10.20 18.32
N LEU A 38 17.71 9.63 17.39
CA LEU A 38 19.01 9.01 17.69
C LEU A 38 20.11 9.67 16.89
N PRO A 39 20.94 10.49 17.55
CA PRO A 39 22.00 11.15 16.79
C PRO A 39 23.17 10.22 16.52
N PHE A 40 23.94 10.46 15.45
CA PHE A 40 25.26 9.83 15.37
C PHE A 40 26.23 10.58 16.29
N ASN A 41 26.70 9.92 17.35
CA ASN A 41 27.65 10.57 18.26
C ASN A 41 28.72 9.66 18.88
N LYS A 42 29.44 10.20 19.84
CA LYS A 42 30.42 9.40 20.55
C LYS A 42 29.95 9.21 21.99
N ALA A 43 29.00 10.05 22.40
CA ALA A 43 28.44 10.05 23.76
C ALA A 43 27.61 8.80 24.10
N LEU A 44 26.85 8.26 23.14
CA LEU A 44 26.10 7.02 23.40
C LEU A 44 27.06 5.89 23.77
N GLY A 45 28.34 6.11 23.48
CA GLY A 45 29.45 5.25 23.91
C GLY A 45 29.59 5.09 25.41
N ARG A 46 28.92 5.95 26.19
CA ARG A 46 28.83 5.76 27.64
C ARG A 46 28.24 4.38 27.96
N TYR A 47 27.33 3.88 27.12
CA TYR A 47 26.78 2.54 27.32
C TYR A 47 27.72 1.44 26.83
N ASP A 48 27.89 0.41 27.65
CA ASP A 48 28.70 -0.74 27.30
C ASP A 48 27.93 -1.76 26.47
N VAL A 49 26.63 -1.85 26.73
CA VAL A 49 25.75 -2.82 26.07
C VAL A 49 24.42 -2.16 25.81
N ALA A 50 23.83 -2.41 24.64
CA ALA A 50 22.44 -2.03 24.38
C ALA A 50 21.63 -3.29 24.21
N ILE A 51 20.49 -3.35 24.88
CA ILE A 51 19.52 -4.42 24.70
C ILE A 51 18.44 -3.90 23.74
N ILE A 52 18.41 -4.45 22.53
CA ILE A 52 17.53 -3.96 21.48
C ILE A 52 16.16 -4.63 21.55
N ARG A 53 15.14 -3.87 21.92
CA ARG A 53 13.80 -4.44 22.13
C ARG A 53 12.62 -3.75 21.41
N PRO A 54 12.87 -2.84 20.45
CA PRO A 54 11.71 -2.35 19.71
C PRO A 54 10.90 -3.48 19.09
N VAL A 55 9.59 -3.30 19.06
CA VAL A 55 8.64 -4.28 18.57
C VAL A 55 8.62 -4.32 17.03
N SER A 56 9.04 -3.25 16.39
CA SER A 56 9.07 -3.27 14.93
CA SER A 56 9.08 -3.24 14.94
C SER A 56 10.50 -3.47 14.41
N MET A 57 10.62 -4.24 13.34
CA MET A 57 11.94 -4.58 12.81
C MET A 57 12.76 -3.34 12.45
N TYR A 58 12.19 -2.40 11.71
CA TYR A 58 12.95 -1.20 11.33
C TYR A 58 13.48 -0.43 12.54
N ARG A 59 12.69 -0.29 13.58
CA ARG A 59 13.18 0.37 14.79
C ARG A 59 14.31 -0.38 15.50
N ALA A 60 14.18 -1.70 15.61
CA ALA A 60 15.26 -2.54 16.16
C ALA A 60 16.51 -2.44 15.27
N LEU A 61 16.32 -2.56 13.97
CA LEU A 61 17.45 -2.52 13.06
C LEU A 61 18.19 -1.18 13.17
N TYR A 62 17.43 -0.08 13.10
CA TYR A 62 18.06 1.22 13.01
C TYR A 62 18.60 1.71 14.33
N SER A 63 17.93 1.38 15.44
CA SER A 63 18.47 1.72 16.75
C SER A 63 19.78 0.97 17.03
N SER A 64 19.80 -0.33 16.77
CA SER A 64 21.02 -1.12 16.86
C SER A 64 22.16 -0.47 16.03
N ALA A 65 21.89 -0.15 14.77
CA ALA A 65 22.88 0.46 13.88
C ALA A 65 23.44 1.79 14.39
N VAL A 66 22.58 2.69 14.88
CA VAL A 66 23.07 3.95 15.47
C VAL A 66 23.95 3.73 16.72
N LEU A 67 23.54 2.80 17.58
CA LEU A 67 24.33 2.47 18.75
C LEU A 67 25.67 1.87 18.39
N GLU A 68 25.67 0.99 17.38
CA GLU A 68 26.93 0.41 16.88
C GLU A 68 27.87 1.47 16.38
N ALA A 69 27.31 2.51 15.74
CA ALA A 69 28.08 3.66 15.23
C ALA A 69 28.88 4.37 16.33
N ALA A 70 28.33 4.36 17.54
CA ALA A 70 28.97 4.93 18.74
C ALA A 70 29.88 3.94 19.49
N GLY A 71 30.02 2.74 18.93
CA GLY A 71 30.88 1.69 19.49
C GLY A 71 30.22 0.79 20.53
N VAL A 72 28.90 0.90 20.67
CA VAL A 72 28.16 0.15 21.68
C VAL A 72 27.86 -1.23 21.14
N HIS A 73 28.16 -2.24 21.94
CA HIS A 73 27.75 -3.60 21.62
C HIS A 73 26.24 -3.82 21.79
N THR A 74 25.58 -4.17 20.69
CA THR A 74 24.14 -4.32 20.72
C THR A 74 23.73 -5.79 20.81
N ILE A 75 22.74 -6.07 21.62
CA ILE A 75 22.13 -7.40 21.66
C ILE A 75 20.70 -7.29 21.18
N ASN A 76 20.38 -7.77 19.99
CA ASN A 76 21.28 -8.36 19.02
C ASN A 76 21.86 -7.30 18.11
N SER A 77 22.83 -7.68 17.29
CA SER A 77 23.50 -6.74 16.40
C SER A 77 22.69 -6.49 15.11
N SER A 78 23.00 -5.39 14.39
CA SER A 78 22.23 -4.98 13.20
C SER A 78 22.27 -6.04 12.09
N ASP A 79 23.42 -6.69 11.93
CA ASP A 79 23.55 -7.73 10.90
C ASP A 79 22.69 -8.93 11.27
N VAL A 80 22.66 -9.27 12.56
CA VAL A 80 21.86 -10.38 13.07
C VAL A 80 20.37 -10.08 12.92
N ILE A 81 19.97 -8.84 13.20
CA ILE A 81 18.58 -8.41 13.00
C ILE A 81 18.18 -8.51 11.53
N ASN A 82 19.07 -8.08 10.65
CA ASN A 82 18.80 -8.15 9.22
C ASN A 82 18.64 -9.59 8.70
N VAL A 83 19.44 -10.51 9.23
CA VAL A 83 19.36 -11.92 8.85
C VAL A 83 18.13 -12.61 9.48
N CYS A 84 17.96 -12.50 10.80
CA CYS A 84 16.83 -13.17 11.47
C CYS A 84 15.49 -12.65 10.97
N GLY A 85 15.42 -11.33 10.73
CA GLY A 85 14.20 -10.69 10.31
C GLY A 85 13.76 -11.03 8.89
N ASP A 86 14.59 -11.77 8.17
CA ASP A 86 14.26 -12.15 6.79
C ASP A 86 14.49 -13.62 6.57
N LYS A 87 13.42 -14.36 6.30
CA LYS A 87 13.55 -15.80 6.20
C LYS A 87 14.41 -16.26 5.06
N ILE A 88 14.43 -15.54 3.94
CA ILE A 88 15.33 -15.91 2.84
C ILE A 88 16.81 -15.83 3.28
N LEU A 89 17.17 -14.74 3.92
CA LEU A 89 18.52 -14.56 4.43
C LEU A 89 18.86 -15.60 5.51
N THR A 90 17.94 -15.84 6.43
CA THR A 90 18.08 -16.94 7.40
C THR A 90 18.29 -18.33 6.73
N TYR A 91 17.40 -18.70 5.79
CA TYR A 91 17.49 -20.00 5.12
C TYR A 91 18.83 -20.13 4.37
N SER A 92 19.28 -19.02 3.77
CA SER A 92 20.55 -19.02 3.04
CA SER A 92 20.54 -19.02 3.03
C SER A 92 21.74 -19.37 3.90
N LYS A 93 21.82 -18.77 5.10
CA LYS A 93 22.92 -19.05 6.05
C LYS A 93 22.86 -20.50 6.55
N LEU A 94 21.67 -20.96 6.87
CA LEU A 94 21.48 -22.33 7.36
C LEU A 94 21.77 -23.36 6.24
N TYR A 95 21.19 -23.15 5.07
CA TYR A 95 21.41 -24.07 3.96
C TYR A 95 22.88 -24.24 3.59
N ARG A 96 23.61 -23.13 3.54
CA ARG A 96 25.04 -23.16 3.23
CA ARG A 96 25.04 -23.17 3.23
C ARG A 96 25.81 -24.05 4.22
N GLU A 97 25.36 -24.05 5.47
CA GLU A 97 25.98 -24.83 6.52
C GLU A 97 25.46 -26.25 6.65
N GLY A 98 24.46 -26.60 5.85
CA GLY A 98 23.88 -27.95 5.91
C GLY A 98 22.92 -28.17 7.06
N ILE A 99 22.43 -27.08 7.65
CA ILE A 99 21.39 -27.16 8.68
C ILE A 99 20.05 -27.30 7.97
N PRO A 100 19.29 -28.35 8.33
CA PRO A 100 18.02 -28.62 7.65
C PRO A 100 17.01 -27.48 7.76
N ILE A 101 16.37 -27.19 6.63
CA ILE A 101 15.33 -26.19 6.49
C ILE A 101 14.22 -26.87 5.66
N PRO A 102 12.98 -26.31 5.63
CA PRO A 102 11.98 -26.88 4.72
C PRO A 102 12.51 -26.71 3.30
N ASP A 103 12.34 -27.72 2.45
CA ASP A 103 12.70 -27.61 1.04
C ASP A 103 12.07 -26.35 0.46
N SER A 104 12.91 -25.44 -0.06
CA SER A 104 12.42 -24.13 -0.45
C SER A 104 12.87 -23.72 -1.82
N ILE A 105 11.99 -22.96 -2.48
CA ILE A 105 12.28 -22.36 -3.77
C ILE A 105 11.87 -20.90 -3.66
N ILE A 106 12.76 -19.99 -4.03
CA ILE A 106 12.48 -18.57 -4.01
C ILE A 106 11.97 -18.10 -5.38
N ALA A 107 10.88 -17.36 -5.39
CA ALA A 107 10.36 -16.79 -6.66
C ALA A 107 10.15 -15.31 -6.50
N LEU A 108 10.62 -14.53 -7.47
CA LEU A 108 10.65 -13.07 -7.30
C LEU A 108 9.73 -12.28 -8.23
N SER A 109 8.74 -12.98 -8.80
CA SER A 109 7.72 -12.36 -9.64
C SER A 109 6.57 -13.33 -9.70
N ALA A 110 5.41 -12.83 -10.11
CA ALA A 110 4.25 -13.68 -10.44
C ALA A 110 4.58 -14.83 -11.38
N GLU A 111 5.33 -14.55 -12.45
CA GLU A 111 5.73 -15.60 -13.42
C GLU A 111 6.62 -16.66 -12.79
N ALA A 112 7.60 -16.22 -12.01
CA ALA A 112 8.49 -17.15 -11.35
C ALA A 112 7.74 -18.00 -10.30
N ALA A 113 6.76 -17.37 -9.64
CA ALA A 113 6.01 -18.04 -8.58
C ALA A 113 5.28 -19.24 -9.16
N LEU A 114 4.65 -19.05 -10.31
CA LEU A 114 3.93 -20.15 -10.91
C LEU A 114 4.91 -21.26 -11.32
N LYS A 115 6.08 -20.89 -11.82
CA LYS A 115 7.07 -21.89 -12.20
C LYS A 115 7.56 -22.64 -10.97
N ALA A 116 7.68 -21.93 -9.84
CA ALA A 116 8.12 -22.57 -8.60
C ALA A 116 7.09 -23.59 -8.12
N TYR A 117 5.82 -23.22 -8.20
CA TYR A 117 4.68 -24.11 -7.84
C TYR A 117 4.73 -25.39 -8.65
N GLU A 118 4.84 -25.23 -9.96
CA GLU A 118 4.97 -26.37 -10.88
C GLU A 118 6.20 -27.23 -10.55
N GLN A 119 7.33 -26.60 -10.20
CA GLN A 119 8.53 -27.35 -9.84
C GLN A 119 8.37 -28.13 -8.54
N ARG A 120 7.54 -27.60 -7.65
CA ARG A 120 7.42 -28.07 -6.26
C ARG A 120 6.37 -29.17 -6.16
N GLY A 121 5.33 -29.06 -6.98
CA GLY A 121 4.15 -29.91 -6.89
C GLY A 121 3.26 -29.45 -5.74
N PHE A 122 2.10 -30.08 -5.63
CA PHE A 122 1.11 -29.76 -4.61
C PHE A 122 0.83 -30.94 -3.68
N PRO A 123 0.54 -30.66 -2.40
CA PRO A 123 0.42 -29.33 -1.78
C PRO A 123 1.78 -28.66 -1.49
N LEU A 124 1.74 -27.35 -1.28
CA LEU A 124 2.90 -26.54 -0.93
C LEU A 124 2.53 -25.40 0.02
N ILE A 125 3.54 -24.82 0.68
CA ILE A 125 3.35 -23.61 1.46
C ILE A 125 4.00 -22.49 0.65
N ASP A 126 3.33 -21.36 0.53
CA ASP A 126 3.93 -20.14 0.01
C ASP A 126 3.81 -19.05 1.08
N LYS A 127 4.94 -18.50 1.50
CA LYS A 127 4.95 -17.38 2.44
C LYS A 127 5.98 -16.31 2.05
N PRO A 128 5.73 -15.05 2.44
CA PRO A 128 6.72 -14.00 2.16
C PRO A 128 7.94 -14.12 3.13
N PRO A 129 9.04 -13.41 2.84
CA PRO A 129 10.23 -13.59 3.71
C PRO A 129 10.13 -12.78 5.00
N ILE A 130 9.13 -11.93 5.11
CA ILE A 130 9.00 -11.00 6.23
C ILE A 130 7.80 -11.40 7.12
N GLY A 131 8.02 -11.40 8.43
CA GLY A 131 7.04 -11.94 9.40
C GLY A 131 5.70 -11.23 9.46
N SER A 132 4.74 -11.84 10.14
CA SER A 132 3.38 -11.32 10.21
C SER A 132 2.43 -12.21 11.01
N TRP A 133 2.93 -12.91 12.04
CA TRP A 133 2.09 -13.77 12.89
C TRP A 133 1.30 -14.82 12.08
N GLY A 134 1.99 -15.47 11.15
CA GLY A 134 1.36 -16.46 10.28
C GLY A 134 0.56 -15.80 9.19
N ARG A 135 0.64 -14.47 9.15
CA ARG A 135 0.03 -13.71 8.08
C ARG A 135 0.71 -14.03 6.76
N LEU A 136 -0.15 -14.29 5.80
CA LEU A 136 0.22 -14.48 4.43
C LEU A 136 0.95 -15.82 4.21
N VAL A 137 0.93 -16.68 5.23
CA VAL A 137 1.38 -18.05 5.01
C VAL A 137 0.21 -18.82 4.36
N SER A 138 0.37 -19.29 3.13
CA SER A 138 -0.71 -19.92 2.36
C SER A 138 -0.44 -21.39 2.09
N LEU A 139 -1.43 -22.24 2.39
CA LEU A 139 -1.39 -23.66 2.06
C LEU A 139 -2.12 -23.88 0.75
N ILE A 140 -1.35 -24.22 -0.28
CA ILE A 140 -1.85 -24.25 -1.64
C ILE A 140 -2.00 -25.69 -2.12
N ARG A 141 -3.19 -26.04 -2.60
CA ARG A 141 -3.54 -27.44 -2.87
C ARG A 141 -3.60 -27.79 -4.36
N ASP A 142 -3.70 -26.78 -5.19
CA ASP A 142 -3.74 -26.98 -6.66
C ASP A 142 -3.43 -25.70 -7.42
N VAL A 143 -3.36 -25.79 -8.74
CA VAL A 143 -2.96 -24.62 -9.53
C VAL A 143 -3.96 -23.46 -9.46
N PHE A 144 -5.26 -23.73 -9.31
CA PHE A 144 -6.22 -22.63 -9.20
C PHE A 144 -5.96 -21.78 -7.96
N GLU A 145 -5.79 -22.46 -6.83
CA GLU A 145 -5.52 -21.79 -5.57
C GLU A 145 -4.21 -21.03 -5.68
N GLY A 146 -3.22 -21.67 -6.31
CA GLY A 146 -1.92 -21.04 -6.55
C GLY A 146 -2.06 -19.76 -7.35
N LYS A 147 -2.80 -19.81 -8.45
CA LYS A 147 -3.05 -18.62 -9.27
C LYS A 147 -3.70 -17.46 -8.52
N THR A 148 -4.70 -17.72 -7.68
CA THR A 148 -5.33 -16.63 -6.95
C THR A 148 -4.39 -16.05 -5.87
N ILE A 149 -3.63 -16.92 -5.20
CA ILE A 149 -2.64 -16.47 -4.23
C ILE A 149 -1.59 -15.56 -4.87
N ILE A 150 -1.04 -15.95 -6.03
CA ILE A 150 -0.10 -15.11 -6.77
C ILE A 150 -0.70 -13.71 -7.06
N GLU A 151 -1.95 -13.71 -7.54
CA GLU A 151 -2.66 -12.45 -7.81
C GLU A 151 -2.79 -11.55 -6.60
N HIS A 152 -3.14 -12.14 -5.45
CA HIS A 152 -3.26 -11.41 -4.18
C HIS A 152 -1.93 -10.84 -3.68
N ARG A 153 -0.87 -11.64 -3.70
CA ARG A 153 0.48 -11.13 -3.34
C ARG A 153 0.97 -9.99 -4.22
N GLU A 154 0.71 -10.08 -5.52
CA GLU A 154 1.10 -9.04 -6.46
C GLU A 154 0.45 -7.72 -6.15
N LEU A 155 -0.71 -7.79 -5.49
CA LEU A 155 -1.46 -6.59 -5.17
C LEU A 155 -1.19 -6.04 -3.79
N MET A 156 -0.31 -6.69 -3.03
CA MET A 156 -0.02 -6.25 -1.66
C MET A 156 0.18 -4.72 -1.53
N GLY A 157 0.92 -4.07 -2.44
CA GLY A 157 1.80 -4.72 -3.40
C GLY A 157 3.19 -4.27 -3.02
N ASN A 158 3.32 -3.87 -1.77
CA ASN A 158 4.56 -3.34 -1.24
C ASN A 158 5.57 -4.40 -0.85
N SER A 159 6.76 -3.93 -0.48
CA SER A 159 7.72 -4.72 0.28
C SER A 159 8.33 -5.94 -0.42
N ALA A 160 9.01 -6.74 0.38
CA ALA A 160 9.46 -8.06 0.00
C ALA A 160 8.25 -8.98 0.02
N LEU A 161 7.08 -8.39 0.30
CA LEU A 161 5.82 -9.11 0.32
C LEU A 161 5.46 -9.65 -1.06
N LYS A 162 6.25 -9.27 -2.05
CA LYS A 162 6.16 -9.74 -3.44
C LYS A 162 7.05 -10.98 -3.71
N ALA A 163 8.03 -11.21 -2.85
CA ALA A 163 8.87 -12.38 -2.95
C ALA A 163 8.17 -13.58 -2.29
N HIS A 164 8.22 -14.72 -2.97
CA HIS A 164 7.59 -15.96 -2.53
C HIS A 164 8.63 -16.95 -2.04
N ILE A 165 8.38 -17.53 -0.87
CA ILE A 165 9.14 -18.69 -0.44
C ILE A 165 8.22 -19.91 -0.58
N VAL A 166 8.54 -20.76 -1.56
CA VAL A 166 7.68 -21.88 -1.93
C VAL A 166 8.28 -23.15 -1.35
N GLN A 167 7.57 -23.77 -0.42
CA GLN A 167 8.10 -24.84 0.41
C GLN A 167 7.28 -26.12 0.38
N GLU A 168 7.96 -27.23 0.66
CA GLU A 168 7.30 -28.46 1.00
C GLU A 168 6.33 -28.16 2.14
N TYR A 169 5.21 -28.86 2.14
CA TYR A 169 4.26 -28.77 3.24
C TYR A 169 4.59 -29.87 4.27
N ILE A 170 5.01 -29.45 5.46
CA ILE A 170 5.47 -30.38 6.47
C ILE A 170 4.33 -30.71 7.42
N GLN A 171 3.99 -31.99 7.51
CA GLN A 171 2.91 -32.39 8.40
C GLN A 171 3.24 -33.75 8.94
N TYR A 172 3.59 -33.76 10.21
CA TYR A 172 4.14 -34.92 10.86
C TYR A 172 3.47 -35.05 12.22
N LYS A 173 3.75 -34.11 13.11
CA LYS A 173 3.26 -34.22 14.49
C LYS A 173 2.27 -33.15 14.94
N GLY A 174 1.87 -32.27 14.02
CA GLY A 174 0.81 -31.30 14.27
C GLY A 174 1.13 -30.18 15.24
N ARG A 175 2.39 -29.74 15.25
CA ARG A 175 2.84 -28.70 16.18
C ARG A 175 4.10 -27.95 15.74
N ASP A 176 4.29 -26.77 16.33
CA ASP A 176 5.53 -25.98 16.20
CA ASP A 176 5.51 -25.98 16.22
C ASP A 176 6.35 -26.16 17.46
N ILE A 177 7.67 -26.15 17.31
CA ILE A 177 8.54 -26.13 18.47
C ILE A 177 9.23 -24.77 18.50
N ARG A 178 9.19 -24.10 19.65
CA ARG A 178 9.89 -22.84 19.80
C ARG A 178 10.95 -22.96 20.90
N CYS A 179 12.16 -22.53 20.58
CA CYS A 179 13.25 -22.56 21.54
C CYS A 179 13.83 -21.17 21.72
N ILE A 180 14.49 -20.94 22.86
CA ILE A 180 15.23 -19.71 23.07
C ILE A 180 16.66 -20.01 23.47
N ALA A 181 17.58 -19.22 22.93
CA ALA A 181 18.99 -19.35 23.27
C ALA A 181 19.54 -17.99 23.68
N ILE A 182 20.45 -18.02 24.65
CA ILE A 182 21.20 -16.85 25.04
C ILE A 182 22.67 -17.24 24.82
N GLY A 183 23.38 -16.47 24.00
CA GLY A 183 24.67 -16.91 23.50
C GLY A 183 24.48 -18.24 22.80
N GLU A 184 25.40 -19.16 23.05
CA GLU A 184 25.33 -20.49 22.48
C GLU A 184 24.51 -21.42 23.34
N GLU A 185 23.94 -20.90 24.43
CA GLU A 185 23.25 -21.76 25.37
C GLU A 185 21.78 -21.87 25.01
N LEU A 186 21.32 -23.11 24.78
CA LEU A 186 19.88 -23.36 24.65
C LEU A 186 19.20 -23.31 26.02
N LEU A 187 18.24 -22.39 26.21
CA LEU A 187 17.53 -22.35 27.48
C LEU A 187 16.53 -23.50 27.60
N GLY A 188 15.91 -23.87 26.47
CA GLY A 188 14.86 -24.88 26.46
C GLY A 188 13.91 -24.62 25.31
N CYS A 189 12.88 -25.46 25.21
CA CYS A 189 11.92 -25.44 24.11
C CYS A 189 10.53 -25.81 24.61
N TYR A 190 9.51 -25.37 23.89
CA TYR A 190 8.14 -25.84 24.14
C TYR A 190 7.46 -26.05 22.79
N ALA A 191 6.32 -26.73 22.79
CA ALA A 191 5.53 -26.93 21.58
C ALA A 191 4.29 -26.05 21.54
N ARG A 192 3.93 -25.63 20.33
CA ARG A 192 2.67 -24.94 20.07
C ARG A 192 1.89 -25.84 19.13
N ASN A 193 0.77 -26.40 19.61
CA ASN A 193 -0.02 -27.32 18.80
C ASN A 193 -1.02 -26.60 17.89
N ILE A 194 -1.24 -27.18 16.71
CA ILE A 194 -2.21 -26.66 15.75
C ILE A 194 -3.64 -26.94 16.24
N PRO A 195 -4.47 -25.89 16.36
CA PRO A 195 -5.87 -26.02 16.78
C PRO A 195 -6.74 -26.66 15.69
N PRO A 196 -7.78 -27.43 16.09
CA PRO A 196 -8.62 -28.29 15.25
C PRO A 196 -8.98 -27.80 13.84
N ASN A 197 -9.11 -26.49 13.66
CA ASN A 197 -9.51 -25.94 12.36
C ASN A 197 -8.41 -25.14 11.64
N GLU A 198 -7.17 -25.61 11.74
CA GLU A 198 -6.05 -24.83 11.24
C GLU A 198 -4.93 -25.63 10.57
N TRP A 199 -4.03 -24.89 9.92
CA TRP A 199 -2.75 -25.43 9.42
C TRP A 199 -1.56 -24.66 10.05
N ARG A 200 -1.86 -23.62 10.82
CA ARG A 200 -0.85 -22.80 11.49
C ARG A 200 -0.99 -22.93 13.01
N ALA A 201 0.10 -22.68 13.74
CA ALA A 201 0.09 -22.81 15.19
C ALA A 201 0.33 -21.51 15.97
N ASN A 202 0.38 -20.37 15.27
CA ASN A 202 0.61 -19.05 15.89
C ASN A 202 -0.26 -18.74 17.14
N VAL A 203 -1.59 -18.60 17.04
CA VAL A 203 -2.41 -18.35 15.84
C VAL A 203 -3.75 -17.84 16.34
N ALA A 204 -3.92 -16.52 16.40
CA ALA A 204 -5.08 -15.88 17.04
C ALA A 204 -5.50 -16.59 18.34
N LEU A 205 -6.40 -17.57 18.21
CA LEU A 205 -6.78 -18.46 19.32
C LEU A 205 -6.48 -19.92 18.93
N GLY A 206 -5.32 -20.40 19.35
CA GLY A 206 -4.93 -21.79 19.15
C GLY A 206 -3.70 -22.11 19.98
N GLY A 207 -2.71 -22.73 19.35
CA GLY A 207 -1.39 -22.97 19.94
C GLY A 207 -1.36 -23.22 21.45
N THR A 208 -2.16 -24.17 21.91
CA THR A 208 -2.10 -24.64 23.29
C THR A 208 -0.65 -25.09 23.57
N PRO A 209 0.02 -24.45 24.56
CA PRO A 209 1.48 -24.49 24.69
C PRO A 209 2.06 -25.56 25.62
N SER A 210 2.34 -26.74 25.07
CA SER A 210 2.87 -27.87 25.85
C SER A 210 4.39 -27.83 26.05
N ASN A 211 4.85 -28.18 27.25
CA ASN A 211 6.28 -28.28 27.51
C ASN A 211 6.86 -29.51 26.79
N ILE A 212 8.13 -29.42 26.39
CA ILE A 212 8.73 -30.44 25.53
C ILE A 212 10.13 -30.85 25.98
N GLU A 213 10.36 -32.16 26.02
CA GLU A 213 11.65 -32.73 26.41
C GLU A 213 12.67 -32.63 25.26
N VAL A 214 13.70 -31.83 25.46
CA VAL A 214 14.71 -31.59 24.42
C VAL A 214 15.68 -32.74 24.27
N ASP A 215 15.54 -33.53 23.21
CA ASP A 215 16.51 -34.58 22.90
C ASP A 215 17.75 -34.00 22.24
N GLU A 216 18.74 -34.83 21.94
CA GLU A 216 20.00 -34.34 21.41
C GLU A 216 19.94 -33.83 19.97
N LYS A 217 19.14 -34.46 19.13
CA LYS A 217 19.05 -34.04 17.73
C LYS A 217 18.49 -32.63 17.64
N LEU A 218 17.43 -32.37 18.42
CA LEU A 218 16.85 -31.04 18.53
C LEU A 218 17.86 -30.02 19.01
N LYS A 219 18.55 -30.34 20.09
CA LYS A 219 19.51 -29.42 20.69
C LYS A 219 20.65 -29.10 19.72
N GLU A 220 21.15 -30.12 19.03
CA GLU A 220 22.20 -29.92 18.03
C GLU A 220 21.72 -28.96 16.95
N THR A 221 20.52 -29.21 16.43
CA THR A 221 19.90 -28.38 15.37
C THR A 221 19.80 -26.90 15.78
N VAL A 222 19.25 -26.66 16.95
CA VAL A 222 19.09 -25.32 17.50
C VAL A 222 20.45 -24.65 17.73
N VAL A 223 21.35 -25.33 18.44
CA VAL A 223 22.66 -24.74 18.72
C VAL A 223 23.44 -24.41 17.44
N LYS A 224 23.41 -25.32 16.47
CA LYS A 224 24.09 -25.05 15.19
C LYS A 224 23.50 -23.82 14.48
N ALA A 225 22.17 -23.72 14.46
CA ALA A 225 21.49 -22.55 13.87
C ALA A 225 21.88 -21.24 14.54
N VAL A 226 21.83 -21.19 15.86
CA VAL A 226 22.19 -19.98 16.59
C VAL A 226 23.67 -19.63 16.38
N SER A 227 24.51 -20.65 16.22
CA SER A 227 25.94 -20.45 16.00
C SER A 227 26.19 -19.75 14.68
N ILE A 228 25.48 -20.19 13.64
CA ILE A 228 25.71 -19.69 12.29
C ILE A 228 25.19 -18.26 12.14
N VAL A 229 24.06 -17.93 12.78
CA VAL A 229 23.53 -16.56 12.63
C VAL A 229 24.18 -15.58 13.62
N HIS A 230 24.96 -16.11 14.55
CA HIS A 230 25.68 -15.33 15.56
C HIS A 230 24.72 -14.60 16.49
N GLY A 231 23.58 -15.22 16.76
CA GLY A 231 22.55 -14.64 17.63
C GLY A 231 23.03 -14.67 19.07
N GLU A 232 22.67 -13.65 19.83
CA GLU A 232 23.02 -13.56 21.24
C GLU A 232 21.81 -13.73 22.14
N PHE A 233 20.64 -13.34 21.63
CA PHE A 233 19.39 -13.58 22.32
C PHE A 233 18.30 -13.71 21.27
N VAL A 234 17.98 -14.96 20.91
CA VAL A 234 17.03 -15.22 19.82
C VAL A 234 16.07 -16.34 20.21
N SER A 235 14.90 -16.38 19.57
CA SER A 235 14.12 -17.60 19.55
C SER A 235 14.31 -18.33 18.22
N ILE A 236 14.06 -19.63 18.25
CA ILE A 236 14.21 -20.48 17.09
C ILE A 236 12.94 -21.30 16.95
N ASP A 237 12.30 -21.20 15.78
CA ASP A 237 11.13 -22.02 15.47
C ASP A 237 11.53 -23.22 14.62
N ILE A 238 11.14 -24.41 15.09
CA ILE A 238 11.50 -25.70 14.53
C ILE A 238 10.26 -26.50 14.10
N LEU A 239 10.35 -27.19 12.97
CA LEU A 239 9.31 -28.13 12.61
C LEU A 239 9.86 -29.54 12.61
N GLU A 240 9.10 -30.47 13.17
CA GLU A 240 9.45 -31.88 13.04
C GLU A 240 9.15 -32.35 11.62
N HIS A 241 10.06 -33.15 11.08
CA HIS A 241 10.01 -33.61 9.71
C HIS A 241 10.24 -35.12 9.69
N PRO A 242 9.41 -35.87 8.95
CA PRO A 242 9.52 -37.35 8.88
C PRO A 242 10.91 -37.88 8.47
N ASN A 243 11.59 -37.21 7.53
CA ASN A 243 12.89 -37.66 7.03
C ASN A 243 14.07 -36.86 7.57
N LYS A 244 13.87 -35.56 7.75
CA LYS A 244 14.96 -34.67 8.18
C LYS A 244 15.09 -34.60 9.70
N GLY A 245 14.10 -35.12 10.41
CA GLY A 245 14.04 -35.04 11.88
C GLY A 245 13.56 -33.70 12.43
N TYR A 246 14.41 -32.69 12.32
CA TYR A 246 14.03 -31.34 12.68
C TYR A 246 14.55 -30.38 11.62
N VAL A 247 13.74 -29.41 11.25
CA VAL A 247 14.18 -28.36 10.33
C VAL A 247 13.94 -27.00 10.97
N VAL A 248 14.82 -26.04 10.67
CA VAL A 248 14.67 -24.69 11.20
C VAL A 248 13.74 -23.90 10.29
N ASN A 249 12.69 -23.35 10.86
CA ASN A 249 11.72 -22.57 10.08
C ASN A 249 11.95 -21.07 10.18
N GLU A 250 12.31 -20.57 11.36
CA GLU A 250 12.38 -19.14 11.67
C GLU A 250 13.43 -18.92 12.75
N LEU A 251 14.09 -17.77 12.73
CA LEU A 251 14.69 -17.21 13.94
C LEU A 251 14.10 -15.83 14.24
N ASN A 252 14.00 -15.47 15.51
CA ASN A 252 13.43 -14.17 15.87
C ASN A 252 14.47 -13.42 16.66
N ASP A 253 14.80 -12.21 16.21
CA ASP A 253 15.85 -11.39 16.86
C ASP A 253 15.34 -10.50 18.02
N VAL A 254 14.03 -10.33 18.11
CA VAL A 254 13.43 -9.69 19.29
C VAL A 254 12.41 -10.68 19.85
N PRO A 255 12.91 -11.78 20.45
CA PRO A 255 12.03 -12.87 20.83
C PRO A 255 11.04 -12.46 21.93
N GLU A 256 9.83 -12.96 21.80
CA GLU A 256 8.85 -12.87 22.87
C GLU A 256 9.22 -13.94 23.86
N PHE A 257 8.81 -13.78 25.11
CA PHE A 257 9.09 -14.85 26.06
C PHE A 257 8.16 -15.02 27.27
N LYS A 258 7.08 -14.24 27.38
CA LYS A 258 6.16 -14.48 28.50
C LYS A 258 5.53 -15.86 28.40
N GLY A 259 5.19 -16.29 27.19
CA GLY A 259 4.62 -17.62 26.96
C GLY A 259 5.65 -18.71 27.15
N PHE A 260 6.88 -18.45 26.69
CA PHE A 260 7.98 -19.40 26.86
C PHE A 260 8.29 -19.57 28.35
N MET A 261 8.27 -18.46 29.06
CA MET A 261 8.51 -18.42 30.49
C MET A 261 7.53 -19.30 31.25
N VAL A 262 6.24 -19.19 30.92
CA VAL A 262 5.21 -19.96 31.65
C VAL A 262 5.18 -21.44 31.25
N ALA A 263 5.64 -21.77 30.05
CA ALA A 263 5.69 -23.16 29.59
C ALA A 263 6.88 -23.93 30.19
N THR A 264 8.01 -23.24 30.37
CA THR A 264 9.24 -23.91 30.76
C THR A 264 9.65 -23.57 32.18
N ASN A 265 9.03 -22.57 32.78
CA ASN A 265 9.47 -22.03 34.08
C ASN A 265 10.90 -21.45 34.11
N ILE A 266 11.44 -21.15 32.93
CA ILE A 266 12.74 -20.51 32.82
C ILE A 266 12.56 -19.03 33.00
N ASN A 267 13.35 -18.45 33.90
CA ASN A 267 13.33 -17.00 34.08
C ASN A 267 14.23 -16.33 33.04
N VAL A 268 13.65 -16.09 31.86
CA VAL A 268 14.43 -15.65 30.71
C VAL A 268 15.18 -14.35 30.96
N ALA A 269 14.48 -13.35 31.48
CA ALA A 269 15.07 -12.03 31.73
C ALA A 269 16.25 -12.15 32.70
N GLN A 270 16.06 -12.95 33.75
CA GLN A 270 17.12 -13.18 34.74
C GLN A 270 18.33 -13.79 34.09
N LYS A 271 18.11 -14.84 33.29
CA LYS A 271 19.18 -15.50 32.54
C LYS A 271 19.90 -14.51 31.61
N LEU A 272 19.13 -13.64 30.95
CA LEU A 272 19.68 -12.61 30.07
C LEU A 272 20.61 -11.68 30.83
N VAL A 273 20.14 -11.20 31.98
CA VAL A 273 20.89 -10.21 32.76
C VAL A 273 22.14 -10.87 33.33
N GLU A 274 21.98 -12.07 33.86
CA GLU A 274 23.13 -12.88 34.32
C GLU A 274 24.18 -12.99 33.22
N TYR A 275 23.74 -13.30 32.01
CA TYR A 275 24.64 -13.42 30.86
C TYR A 275 25.34 -12.12 30.50
N ILE A 276 24.61 -11.00 30.55
CA ILE A 276 25.20 -9.71 30.21
C ILE A 276 26.30 -9.34 31.21
N LYS A 277 26.00 -9.50 32.49
CA LYS A 277 26.97 -9.25 33.57
C LYS A 277 28.20 -10.13 33.39
N GLU A 278 27.99 -11.44 33.25
CA GLU A 278 29.08 -12.39 33.05
C GLU A 278 30.02 -11.99 31.91
N ASN A 279 29.44 -11.45 30.82
CA ASN A 279 30.19 -11.19 29.60
C ASN A 279 30.63 -9.76 29.30
N TYR A 280 29.90 -8.76 29.82
CA TYR A 280 30.15 -7.37 29.43
C TYR A 280 30.53 -6.44 30.58
N SER A 281 30.81 -7.02 31.73
CA SER A 281 31.21 -6.23 32.88
C SER A 281 32.58 -5.59 32.66
N LYS A 282 33.53 -6.37 32.14
CA LYS A 282 34.88 -5.92 31.73
C LYS A 282 35.96 -6.37 32.73
N MET B 1 36.28 -21.69 -14.80
CA MET B 1 35.35 -20.69 -14.22
C MET B 1 34.08 -20.55 -15.05
N ARG B 2 32.93 -20.59 -14.37
CA ARG B 2 31.65 -20.27 -14.98
C ARG B 2 31.08 -19.09 -14.19
N VAL B 3 30.49 -18.14 -14.91
CA VAL B 3 29.87 -16.98 -14.27
C VAL B 3 28.36 -17.05 -14.55
N VAL B 4 27.51 -16.67 -13.60
CA VAL B 4 26.11 -16.34 -13.91
C VAL B 4 25.90 -14.87 -13.84
N LEU B 5 25.18 -14.35 -14.81
CA LEU B 5 24.75 -12.97 -14.77
C LEU B 5 23.28 -12.93 -14.40
N ILE B 6 23.00 -12.34 -13.24
CA ILE B 6 21.63 -12.26 -12.73
C ILE B 6 20.97 -10.93 -13.03
N VAL B 7 19.86 -10.97 -13.78
CA VAL B 7 19.15 -9.78 -14.20
C VAL B 7 17.66 -9.89 -13.93
N ASP B 8 16.96 -8.76 -13.99
CA ASP B 8 15.50 -8.74 -14.14
C ASP B 8 15.06 -7.83 -15.30
N ILE B 9 15.50 -6.58 -15.30
CA ILE B 9 15.34 -5.65 -16.44
C ILE B 9 16.71 -5.49 -17.10
N VAL B 10 16.83 -5.90 -18.37
CA VAL B 10 18.13 -5.79 -19.05
C VAL B 10 18.32 -4.38 -19.58
N ARG B 11 19.24 -3.64 -18.95
CA ARG B 11 19.58 -2.30 -19.42
C ARG B 11 20.87 -2.38 -20.25
N GLN B 12 21.36 -1.24 -20.69
CA GLN B 12 22.62 -1.21 -21.45
C GLN B 12 23.74 -1.81 -20.62
N GLU B 13 23.79 -1.43 -19.34
CA GLU B 13 24.75 -1.98 -18.37
C GLU B 13 24.89 -3.51 -18.43
N GLU B 14 23.75 -4.21 -18.42
CA GLU B 14 23.76 -5.67 -18.42
C GLU B 14 24.21 -6.21 -19.78
N LYS B 15 23.76 -5.58 -20.87
CA LYS B 15 24.22 -5.93 -22.21
C LYS B 15 25.75 -5.83 -22.28
N LEU B 16 26.29 -4.72 -21.78
CA LEU B 16 27.73 -4.44 -21.73
CA LEU B 16 27.73 -4.48 -21.78
C LEU B 16 28.49 -5.52 -20.97
N ILE B 17 27.91 -5.97 -19.85
CA ILE B 17 28.56 -7.00 -19.04
C ILE B 17 28.58 -8.37 -19.77
N ALA B 18 27.44 -8.75 -20.35
CA ALA B 18 27.35 -9.96 -21.19
C ALA B 18 28.37 -9.92 -22.34
N LYS B 19 28.46 -8.78 -23.03
CA LYS B 19 29.47 -8.61 -24.11
C LYS B 19 30.89 -8.79 -23.59
N ALA B 20 31.22 -8.14 -22.49
CA ALA B 20 32.56 -8.22 -21.92
C ALA B 20 32.93 -9.65 -21.50
N LEU B 21 31.97 -10.39 -20.95
CA LEU B 21 32.18 -11.81 -20.63
C LEU B 21 32.45 -12.62 -21.91
N GLU B 22 31.64 -12.40 -22.93
CA GLU B 22 31.77 -13.10 -24.20
C GLU B 22 33.11 -12.78 -24.85
N GLU B 23 33.47 -11.50 -24.84
CA GLU B 23 34.69 -11.02 -25.51
C GLU B 23 35.98 -11.40 -24.78
N ASN B 24 35.90 -11.62 -23.48
CA ASN B 24 37.02 -12.18 -22.73
C ASN B 24 36.99 -13.71 -22.63
N LYS B 25 36.05 -14.31 -23.37
CA LYS B 25 35.96 -15.76 -23.52
C LYS B 25 35.66 -16.43 -22.17
N VAL B 26 34.78 -15.80 -21.39
CA VAL B 26 34.36 -16.34 -20.10
C VAL B 26 33.09 -17.13 -20.32
N GLN B 27 33.10 -18.38 -19.85
CA GLN B 27 31.89 -19.21 -19.80
C GLN B 27 30.83 -18.56 -18.91
N TYR B 28 29.70 -18.14 -19.48
CA TYR B 28 28.62 -17.57 -18.65
C TYR B 28 27.19 -17.97 -19.07
N ASP B 29 26.27 -17.91 -18.11
CA ASP B 29 24.84 -18.00 -18.38
C ASP B 29 24.16 -16.77 -17.81
N ILE B 30 22.99 -16.44 -18.34
CA ILE B 30 22.13 -15.41 -17.76
C ILE B 30 20.89 -16.06 -17.11
N ILE B 31 20.60 -15.67 -15.88
CA ILE B 31 19.32 -16.07 -15.27
C ILE B 31 18.54 -14.80 -15.04
N ASN B 32 17.37 -14.72 -15.65
CA ASN B 32 16.47 -13.63 -15.42
C ASN B 32 15.58 -13.98 -14.24
N VAL B 33 15.80 -13.33 -13.11
CA VAL B 33 15.02 -13.61 -11.88
C VAL B 33 13.65 -12.94 -11.82
N ALA B 34 13.27 -12.22 -12.88
CA ALA B 34 11.85 -11.85 -13.03
C ALA B 34 11.06 -12.93 -13.76
N GLN B 35 11.75 -13.95 -14.24
CA GLN B 35 11.13 -15.00 -15.05
C GLN B 35 11.27 -16.36 -14.41
N GLU B 36 12.40 -16.61 -13.76
CA GLU B 36 12.80 -17.92 -13.26
C GLU B 36 12.94 -17.92 -11.75
N PRO B 37 12.42 -18.97 -11.11
CA PRO B 37 12.62 -19.13 -9.66
C PRO B 37 14.05 -19.59 -9.34
N LEU B 38 14.43 -19.46 -8.07
CA LEU B 38 15.75 -19.88 -7.59
C LEU B 38 15.64 -20.88 -6.44
N PRO B 39 15.96 -22.16 -6.70
CA PRO B 39 15.87 -23.11 -5.60
C PRO B 39 17.09 -23.03 -4.69
N PHE B 40 16.88 -23.31 -3.41
CA PHE B 40 18.00 -23.61 -2.53
C PHE B 40 18.39 -25.03 -2.89
N ASN B 41 19.47 -25.14 -3.66
CA ASN B 41 19.93 -26.44 -4.16
C ASN B 41 21.43 -26.37 -4.27
N LYS B 42 22.08 -27.50 -4.49
CA LYS B 42 23.52 -27.38 -4.71
C LYS B 42 23.85 -27.32 -6.21
N ALA B 43 22.82 -27.47 -7.06
CA ALA B 43 22.95 -27.32 -8.51
C ALA B 43 23.62 -26.02 -8.96
N LEU B 44 23.16 -24.87 -8.42
CA LEU B 44 23.71 -23.55 -8.77
C LEU B 44 25.21 -23.42 -8.47
N GLY B 45 25.73 -24.35 -7.68
CA GLY B 45 27.15 -24.40 -7.34
C GLY B 45 28.06 -24.62 -8.54
N ARG B 46 27.45 -24.93 -9.68
CA ARG B 46 28.17 -25.01 -10.96
C ARG B 46 28.78 -23.66 -11.37
N TYR B 47 28.24 -22.57 -10.86
CA TYR B 47 28.81 -21.24 -11.12
C TYR B 47 29.81 -20.88 -10.06
N ASP B 48 30.95 -20.34 -10.47
CA ASP B 48 31.95 -19.86 -9.53
C ASP B 48 31.63 -18.46 -9.02
N VAL B 49 31.10 -17.63 -9.91
CA VAL B 49 30.84 -16.23 -9.60
C VAL B 49 29.49 -15.86 -10.14
N ALA B 50 28.75 -15.07 -9.35
CA ALA B 50 27.54 -14.46 -9.83
C ALA B 50 27.71 -12.94 -9.88
N ILE B 51 27.34 -12.34 -11.00
CA ILE B 51 27.27 -10.88 -11.07
C ILE B 51 25.82 -10.47 -10.86
N ILE B 52 25.58 -9.78 -9.75
CA ILE B 52 24.22 -9.47 -9.29
C ILE B 52 23.75 -8.13 -9.83
N ARG B 53 22.86 -8.18 -10.81
CA ARG B 53 22.41 -6.97 -11.55
C ARG B 53 20.91 -6.67 -11.55
N PRO B 54 20.07 -7.39 -10.76
CA PRO B 54 18.67 -6.95 -10.82
C PRO B 54 18.47 -5.49 -10.40
N VAL B 55 17.49 -4.85 -11.01
CA VAL B 55 17.21 -3.43 -10.77
C VAL B 55 16.51 -3.22 -9.44
N SER B 56 15.74 -4.20 -8.97
CA SER B 56 15.10 -4.01 -7.67
CA SER B 56 15.05 -4.12 -7.68
C SER B 56 16.03 -4.52 -6.56
N MET B 57 16.09 -3.74 -5.49
CA MET B 57 16.90 -4.11 -4.34
C MET B 57 16.53 -5.50 -3.79
N TYR B 58 15.24 -5.79 -3.63
CA TYR B 58 14.91 -7.07 -3.01
C TYR B 58 15.34 -8.20 -3.91
N ARG B 59 15.24 -8.02 -5.25
CA ARG B 59 15.65 -9.09 -6.15
C ARG B 59 17.15 -9.27 -6.13
N ALA B 60 17.90 -8.18 -5.95
CA ALA B 60 19.34 -8.28 -5.85
C ALA B 60 19.74 -9.01 -4.56
N LEU B 61 19.13 -8.61 -3.43
CA LEU B 61 19.40 -9.19 -2.14
C LEU B 61 19.13 -10.70 -2.12
N TYR B 62 17.96 -11.07 -2.63
CA TYR B 62 17.51 -12.45 -2.53
C TYR B 62 18.21 -13.36 -3.48
N SER B 63 18.43 -12.90 -4.71
CA SER B 63 19.17 -13.73 -5.67
C SER B 63 20.60 -13.98 -5.18
N SER B 64 21.25 -12.95 -4.64
CA SER B 64 22.57 -13.10 -4.06
CA SER B 64 22.58 -13.12 -4.08
C SER B 64 22.57 -14.13 -2.94
N ALA B 65 21.61 -14.01 -2.01
CA ALA B 65 21.51 -14.92 -0.89
C ALA B 65 21.31 -16.39 -1.33
N VAL B 66 20.45 -16.62 -2.33
CA VAL B 66 20.22 -18.01 -2.75
C VAL B 66 21.49 -18.56 -3.43
N LEU B 67 22.16 -17.72 -4.22
CA LEU B 67 23.43 -18.14 -4.85
C LEU B 67 24.53 -18.46 -3.81
N GLU B 68 24.67 -17.61 -2.79
CA GLU B 68 25.59 -17.86 -1.66
C GLU B 68 25.32 -19.19 -0.96
N ALA B 69 24.05 -19.58 -0.89
CA ALA B 69 23.64 -20.81 -0.21
C ALA B 69 24.22 -22.02 -0.90
N ALA B 70 24.34 -21.91 -2.22
CA ALA B 70 24.90 -22.95 -3.10
C ALA B 70 26.42 -22.85 -3.21
N GLY B 71 27.00 -21.84 -2.56
CA GLY B 71 28.45 -21.68 -2.45
C GLY B 71 29.05 -20.74 -3.49
N VAL B 72 28.19 -20.09 -4.27
CA VAL B 72 28.63 -19.21 -5.36
C VAL B 72 29.16 -17.92 -4.77
N HIS B 73 30.31 -17.45 -5.25
CA HIS B 73 30.78 -16.12 -4.85
C HIS B 73 29.98 -15.03 -5.54
N THR B 74 29.27 -14.24 -4.76
CA THR B 74 28.40 -13.21 -5.36
C THR B 74 29.04 -11.82 -5.32
N ILE B 75 28.88 -11.08 -6.40
CA ILE B 75 29.32 -9.71 -6.50
C ILE B 75 28.10 -8.87 -6.85
N ASN B 76 27.59 -8.09 -5.89
CA ASN B 76 28.10 -8.00 -4.52
C ASN B 76 27.41 -9.06 -3.65
N SER B 77 27.89 -9.26 -2.43
CA SER B 77 27.28 -10.27 -1.55
C SER B 77 25.97 -9.75 -0.94
N SER B 78 25.17 -10.63 -0.35
CA SER B 78 23.89 -10.22 0.22
C SER B 78 24.07 -9.33 1.45
N ASP B 79 25.08 -9.62 2.26
CA ASP B 79 25.40 -8.79 3.42
C ASP B 79 25.67 -7.35 2.96
N VAL B 80 26.42 -7.20 1.88
CA VAL B 80 26.87 -5.89 1.34
C VAL B 80 25.69 -5.14 0.71
N ILE B 81 24.82 -5.89 0.04
CA ILE B 81 23.61 -5.32 -0.52
C ILE B 81 22.69 -4.79 0.56
N ASN B 82 22.52 -5.54 1.64
CA ASN B 82 21.72 -5.07 2.79
C ASN B 82 22.25 -3.75 3.37
N VAL B 83 23.57 -3.64 3.49
CA VAL B 83 24.20 -2.42 3.99
C VAL B 83 24.14 -1.24 3.03
N CYS B 84 24.67 -1.42 1.81
CA CYS B 84 24.66 -0.40 0.76
C CYS B 84 23.26 0.10 0.38
N GLY B 85 22.29 -0.82 0.41
CA GLY B 85 20.94 -0.48 0.00
C GLY B 85 20.20 0.33 1.04
N ASP B 86 20.81 0.48 2.21
CA ASP B 86 20.18 1.21 3.32
C ASP B 86 21.06 2.32 3.86
N LYS B 87 20.62 3.56 3.77
CA LYS B 87 21.50 4.66 4.15
C LYS B 87 21.86 4.69 5.62
N ILE B 88 20.94 4.27 6.50
CA ILE B 88 21.23 4.28 7.94
C ILE B 88 22.35 3.27 8.29
N LEU B 89 22.26 2.09 7.70
CA LEU B 89 23.27 1.06 7.88
C LEU B 89 24.63 1.50 7.33
N THR B 90 24.60 2.09 6.14
CA THR B 90 25.83 2.62 5.50
C THR B 90 26.47 3.71 6.40
N TYR B 91 25.66 4.67 6.82
CA TYR B 91 26.14 5.81 7.60
C TYR B 91 26.72 5.32 8.90
N SER B 92 26.06 4.32 9.51
CA SER B 92 26.52 3.73 10.77
CA SER B 92 26.53 3.78 10.77
C SER B 92 27.94 3.19 10.65
N LYS B 93 28.17 2.43 9.58
CA LYS B 93 29.49 1.83 9.35
C LYS B 93 30.55 2.87 9.09
N LEU B 94 30.22 3.87 8.26
CA LEU B 94 31.16 4.96 7.96
C LEU B 94 31.46 5.82 9.17
N TYR B 95 30.41 6.16 9.92
CA TYR B 95 30.56 6.98 11.11
C TYR B 95 31.49 6.35 12.14
N ARG B 96 31.30 5.05 12.38
CA ARG B 96 32.15 4.30 13.29
C ARG B 96 33.64 4.42 12.89
N GLU B 97 33.91 4.45 11.59
CA GLU B 97 35.29 4.51 11.08
C GLU B 97 35.88 5.91 10.92
N GLY B 98 35.09 6.94 11.22
CA GLY B 98 35.54 8.33 11.05
C GLY B 98 35.47 8.84 9.61
N ILE B 99 34.77 8.11 8.74
CA ILE B 99 34.63 8.53 7.35
C ILE B 99 33.52 9.57 7.35
N PRO B 100 33.80 10.78 6.83
CA PRO B 100 32.80 11.83 6.91
C PRO B 100 31.52 11.53 6.13
N ILE B 101 30.38 11.85 6.75
CA ILE B 101 29.05 11.73 6.17
C ILE B 101 28.28 13.05 6.39
N PRO B 102 27.14 13.29 5.69
CA PRO B 102 26.37 14.47 6.10
C PRO B 102 25.93 14.33 7.55
N ASP B 103 26.01 15.41 8.33
CA ASP B 103 25.53 15.40 9.71
CA ASP B 103 25.52 15.40 9.70
C ASP B 103 24.08 14.92 9.72
N SER B 104 23.83 13.82 10.42
CA SER B 104 22.55 13.14 10.35
C SER B 104 21.99 12.80 11.71
N ILE B 105 20.67 12.93 11.83
CA ILE B 105 19.93 12.48 13.01
C ILE B 105 18.83 11.52 12.57
N ILE B 106 18.72 10.41 13.28
CA ILE B 106 17.81 9.36 12.87
C ILE B 106 16.55 9.45 13.75
N ALA B 107 15.39 9.51 13.11
CA ALA B 107 14.12 9.61 13.83
C ALA B 107 13.18 8.53 13.35
N LEU B 108 12.63 7.77 14.30
CA LEU B 108 11.92 6.53 13.97
C LEU B 108 10.43 6.61 14.24
N SER B 109 9.94 7.82 14.44
CA SER B 109 8.52 8.08 14.68
C SER B 109 8.21 9.54 14.37
N ALA B 110 6.92 9.86 14.29
CA ALA B 110 6.48 11.23 14.07
C ALA B 110 6.98 12.13 15.16
N GLU B 111 6.90 11.67 16.41
CA GLU B 111 7.33 12.50 17.54
C GLU B 111 8.83 12.74 17.53
N ALA B 112 9.62 11.67 17.34
CA ALA B 112 11.08 11.79 17.23
C ALA B 112 11.51 12.72 16.10
N ALA B 113 10.80 12.63 14.97
CA ALA B 113 11.12 13.42 13.79
C ALA B 113 10.97 14.91 14.06
N LEU B 114 9.85 15.30 14.65
CA LEU B 114 9.64 16.70 15.05
C LEU B 114 10.73 17.23 15.98
N LYS B 115 11.18 16.38 16.91
CA LYS B 115 12.27 16.73 17.82
C LYS B 115 13.58 16.91 17.07
N ALA B 116 13.85 16.01 16.13
CA ALA B 116 15.03 16.12 15.29
C ALA B 116 15.05 17.44 14.49
N TYR B 117 13.91 17.78 13.90
CA TYR B 117 13.80 19.03 13.17
C TYR B 117 14.19 20.20 14.06
N GLU B 118 13.62 20.24 15.26
CA GLU B 118 13.85 21.36 16.17
C GLU B 118 15.27 21.31 16.74
N GLN B 119 15.87 20.12 16.79
CA GLN B 119 17.25 20.01 17.27
C GLN B 119 18.20 20.61 16.27
N ARG B 120 17.94 20.40 14.97
CA ARG B 120 18.90 20.87 13.99
CA ARG B 120 18.83 20.81 13.88
C ARG B 120 18.54 22.23 13.36
N GLY B 121 17.26 22.59 13.34
CA GLY B 121 16.84 23.86 12.74
C GLY B 121 16.67 23.76 11.23
N PHE B 122 16.15 24.83 10.63
CA PHE B 122 15.73 24.83 9.22
C PHE B 122 16.50 25.84 8.39
N PRO B 123 16.71 25.59 7.08
CA PRO B 123 16.25 24.42 6.30
C PRO B 123 17.07 23.18 6.66
N LEU B 124 16.51 22.03 6.31
CA LEU B 124 17.15 20.73 6.53
C LEU B 124 16.70 19.77 5.43
N ILE B 125 17.43 18.66 5.28
CA ILE B 125 17.05 17.61 4.36
C ILE B 125 16.43 16.47 5.19
N ASP B 126 15.29 15.96 4.73
CA ASP B 126 14.71 14.76 5.33
C ASP B 126 14.53 13.75 4.21
N LYS B 127 15.14 12.58 4.39
CA LYS B 127 14.97 11.50 3.43
C LYS B 127 14.87 10.14 4.13
N PRO B 128 14.22 9.14 3.48
CA PRO B 128 14.20 7.82 4.06
C PRO B 128 15.51 7.04 3.79
N PRO B 129 15.68 5.89 4.46
CA PRO B 129 16.96 5.15 4.37
C PRO B 129 17.07 4.40 3.06
N ILE B 130 15.94 4.24 2.42
CA ILE B 130 15.79 3.36 1.29
C ILE B 130 15.69 4.30 0.09
N GLY B 131 16.58 4.08 -0.88
CA GLY B 131 16.66 4.94 -2.08
C GLY B 131 15.37 5.01 -2.88
N SER B 132 15.28 5.99 -3.78
CA SER B 132 14.09 6.18 -4.61
C SER B 132 14.29 7.23 -5.69
N TRP B 133 15.53 7.30 -6.21
CA TRP B 133 15.87 8.19 -7.32
C TRP B 133 15.74 9.67 -6.98
N GLY B 134 16.08 10.02 -5.74
CA GLY B 134 15.98 11.40 -5.29
C GLY B 134 14.54 11.70 -4.94
N ARG B 135 13.70 10.71 -5.14
CA ARG B 135 12.43 10.87 -4.51
C ARG B 135 12.35 10.54 -3.05
N LEU B 136 11.49 11.32 -2.45
CA LEU B 136 11.26 11.42 -1.03
C LEU B 136 12.40 12.10 -0.33
N VAL B 137 13.29 12.76 -1.09
CA VAL B 137 14.31 13.61 -0.49
C VAL B 137 13.66 14.99 -0.42
N SER B 138 13.36 15.45 0.79
CA SER B 138 12.62 16.70 0.96
C SER B 138 13.49 17.79 1.56
N LEU B 139 13.41 18.99 0.99
CA LEU B 139 14.02 20.17 1.60
C LEU B 139 13.01 20.82 2.52
N ILE B 140 13.21 20.65 3.82
CA ILE B 140 12.18 21.05 4.80
C ILE B 140 12.48 22.46 5.28
N ARG B 141 11.61 23.40 4.93
CA ARG B 141 11.84 24.81 5.28
C ARG B 141 11.30 25.20 6.66
N ASP B 142 10.27 24.52 7.15
CA ASP B 142 9.68 24.86 8.46
C ASP B 142 8.94 23.70 9.09
N VAL B 143 8.38 23.98 10.28
CA VAL B 143 7.62 23.01 11.05
C VAL B 143 6.38 22.52 10.27
N PHE B 144 5.62 23.44 9.67
CA PHE B 144 4.43 23.02 8.89
C PHE B 144 4.81 22.01 7.83
N GLU B 145 5.90 22.30 7.10
CA GLU B 145 6.35 21.39 6.05
C GLU B 145 6.77 20.03 6.61
N GLY B 146 7.52 20.05 7.70
CA GLY B 146 7.94 18.79 8.34
C GLY B 146 6.75 17.95 8.81
N LYS B 147 5.74 18.61 9.38
CA LYS B 147 4.55 17.89 9.84
C LYS B 147 3.80 17.15 8.73
N THR B 148 3.59 17.81 7.59
CA THR B 148 2.89 17.15 6.47
C THR B 148 3.72 16.02 5.87
N ILE B 149 5.02 16.24 5.73
CA ILE B 149 5.93 15.22 5.25
C ILE B 149 5.92 13.97 6.16
N ILE B 150 5.96 14.19 7.47
CA ILE B 150 5.83 13.12 8.46
C ILE B 150 4.53 12.34 8.32
N GLU B 151 3.43 13.07 8.16
CA GLU B 151 2.10 12.50 7.99
C GLU B 151 2.05 11.62 6.74
N HIS B 152 2.62 12.12 5.63
CA HIS B 152 2.65 11.36 4.37
C HIS B 152 3.46 10.05 4.51
N ARG B 153 4.68 10.14 5.01
CA ARG B 153 5.52 8.95 5.08
C ARG B 153 4.98 7.88 6.02
N GLU B 154 4.24 8.30 7.05
CA GLU B 154 3.51 7.40 7.96
C GLU B 154 2.56 6.43 7.23
N LEU B 155 2.03 6.87 6.11
CA LEU B 155 0.96 6.15 5.41
C LEU B 155 1.41 5.37 4.16
N MET B 156 2.72 5.17 4.00
CA MET B 156 3.20 4.38 2.87
C MET B 156 3.33 2.89 3.21
N GLY B 157 3.51 2.06 2.20
CA GLY B 157 3.48 0.61 2.41
C GLY B 157 4.73 0.04 3.03
N ASN B 158 5.81 0.81 2.97
CA ASN B 158 7.11 0.34 3.42
C ASN B 158 7.51 1.00 4.75
N SER B 159 7.58 0.20 5.81
CA SER B 159 7.94 0.70 7.13
C SER B 159 9.32 1.35 7.22
N ALA B 160 10.24 0.98 6.35
CA ALA B 160 11.53 1.70 6.23
C ALA B 160 11.31 3.18 5.94
N LEU B 161 10.20 3.50 5.25
CA LEU B 161 9.85 4.89 4.91
C LEU B 161 9.46 5.73 6.12
N LYS B 162 9.21 5.05 7.24
CA LYS B 162 8.89 5.72 8.49
C LYS B 162 10.12 6.19 9.27
N ALA B 163 11.29 5.70 8.89
CA ALA B 163 12.54 6.17 9.47
C ALA B 163 13.01 7.43 8.73
N HIS B 164 13.18 8.50 9.48
CA HIS B 164 13.60 9.78 8.93
C HIS B 164 15.09 9.95 9.14
N ILE B 165 15.82 10.21 8.06
CA ILE B 165 17.18 10.71 8.15
C ILE B 165 17.14 12.24 8.03
N VAL B 166 17.37 12.91 9.16
CA VAL B 166 17.27 14.37 9.25
C VAL B 166 18.68 14.92 9.19
N GLN B 167 18.98 15.58 8.08
CA GLN B 167 20.36 15.96 7.71
C GLN B 167 20.55 17.43 7.53
N GLU B 168 21.80 17.88 7.73
CA GLU B 168 22.22 19.20 7.32
C GLU B 168 21.97 19.31 5.81
N TYR B 169 21.57 20.49 5.36
CA TYR B 169 21.33 20.78 3.94
C TYR B 169 22.64 21.33 3.39
N ILE B 170 23.28 20.55 2.53
CA ILE B 170 24.57 20.92 1.94
C ILE B 170 24.43 21.79 0.69
N GLN B 171 25.00 22.99 0.76
CA GLN B 171 25.03 23.91 -0.37
C GLN B 171 26.46 24.39 -0.53
N TYR B 172 27.10 24.03 -1.64
CA TYR B 172 28.49 24.43 -1.86
C TYR B 172 28.85 24.41 -3.33
N LYS B 173 28.98 23.23 -3.91
CA LYS B 173 29.49 23.11 -5.28
C LYS B 173 28.41 22.89 -6.34
N GLY B 174 27.15 22.80 -5.89
CA GLY B 174 26.00 22.69 -6.81
C GLY B 174 25.97 21.42 -7.64
N ARG B 175 26.55 20.33 -7.10
CA ARG B 175 26.70 19.07 -7.83
C ARG B 175 26.89 17.86 -6.90
N ASP B 176 26.67 16.68 -7.46
N ASP B 176 26.69 16.67 -7.45
CA ASP B 176 27.03 15.43 -6.83
CA ASP B 176 27.01 15.41 -6.75
C ASP B 176 28.31 14.99 -7.51
C ASP B 176 28.10 14.69 -7.53
N ILE B 177 29.08 14.15 -6.81
CA ILE B 177 30.17 13.42 -7.41
C ILE B 177 29.85 11.93 -7.30
N ARG B 178 29.87 11.24 -8.43
CA ARG B 178 29.73 9.78 -8.43
C ARG B 178 31.04 9.11 -8.85
N CYS B 179 31.49 8.17 -8.03
CA CYS B 179 32.68 7.36 -8.36
C CYS B 179 32.32 5.87 -8.38
N ILE B 180 33.16 5.09 -9.05
CA ILE B 180 33.02 3.63 -9.10
C ILE B 180 34.32 2.98 -8.68
N ALA B 181 34.20 1.96 -7.86
CA ALA B 181 35.31 1.19 -7.38
C ALA B 181 35.06 -0.30 -7.67
N ILE B 182 36.09 -0.96 -8.16
CA ILE B 182 36.05 -2.42 -8.35
C ILE B 182 37.17 -3.00 -7.52
N GLY B 183 36.84 -3.97 -6.67
CA GLY B 183 37.79 -4.56 -5.76
C GLY B 183 38.54 -3.55 -4.92
N GLU B 184 37.84 -2.53 -4.43
CA GLU B 184 38.44 -1.49 -3.57
C GLU B 184 39.46 -0.58 -4.28
N GLU B 185 39.54 -0.68 -5.60
CA GLU B 185 40.31 0.26 -6.41
C GLU B 185 39.38 1.23 -7.13
N LEU B 186 39.69 2.52 -7.00
CA LEU B 186 38.93 3.58 -7.68
C LEU B 186 39.15 3.54 -9.18
N LEU B 187 38.06 3.48 -9.95
CA LEU B 187 38.11 3.57 -11.41
C LEU B 187 38.17 5.01 -11.88
N GLY B 188 37.29 5.81 -11.29
CA GLY B 188 37.19 7.24 -11.59
C GLY B 188 35.92 7.82 -11.00
N CYS B 189 35.72 9.11 -11.25
CA CYS B 189 34.56 9.84 -10.77
C CYS B 189 34.13 10.82 -11.85
N TYR B 190 32.87 11.22 -11.80
CA TYR B 190 32.38 12.37 -12.56
C TYR B 190 31.39 13.15 -11.71
N ALA B 191 30.96 14.30 -12.22
CA ALA B 191 30.00 15.14 -11.48
C ALA B 191 28.69 15.26 -12.21
N ARG B 192 27.62 15.33 -11.43
CA ARG B 192 26.29 15.57 -11.95
C ARG B 192 25.80 16.84 -11.28
N ASN B 193 25.60 17.89 -12.07
CA ASN B 193 25.26 19.20 -11.54
C ASN B 193 23.77 19.40 -11.36
N ILE B 194 23.40 20.04 -10.25
CA ILE B 194 22.02 20.36 -9.97
C ILE B 194 21.49 21.25 -11.10
N PRO B 195 20.36 20.86 -11.72
CA PRO B 195 19.78 21.72 -12.75
C PRO B 195 19.19 22.99 -12.14
N PRO B 196 19.21 24.11 -12.89
CA PRO B 196 18.40 25.23 -12.41
C PRO B 196 16.95 24.97 -12.81
N ASN B 197 16.02 24.96 -11.86
CA ASN B 197 16.30 25.09 -10.44
C ASN B 197 15.68 23.95 -9.64
N GLU B 198 16.56 23.20 -9.00
CA GLU B 198 16.22 22.02 -8.23
C GLU B 198 17.06 22.10 -6.97
N TRP B 199 16.89 21.13 -6.06
CA TRP B 199 17.83 20.92 -4.96
C TRP B 199 18.48 19.54 -5.05
N ARG B 200 18.18 18.83 -6.14
CA ARG B 200 18.67 17.46 -6.35
C ARG B 200 19.35 17.40 -7.71
N ALA B 201 20.38 16.57 -7.83
CA ALA B 201 21.13 16.49 -9.10
C ALA B 201 20.91 15.20 -9.90
N ASN B 202 20.03 14.31 -9.44
CA ASN B 202 19.78 13.03 -10.12
C ASN B 202 19.59 13.12 -11.64
N VAL B 203 20.14 12.14 -12.35
CA VAL B 203 20.01 11.98 -13.82
C VAL B 203 18.68 12.53 -14.38
N ALA B 204 17.58 12.22 -13.69
CA ALA B 204 16.29 12.80 -14.03
C ALA B 204 15.96 13.95 -13.07
N LEU B 205 16.06 15.21 -13.54
CA LEU B 205 16.55 15.57 -14.86
C LEU B 205 17.82 16.40 -14.70
N GLY B 206 18.91 15.73 -14.30
CA GLY B 206 20.14 16.39 -13.87
C GLY B 206 21.12 16.77 -14.97
N GLY B 207 20.73 17.76 -15.77
CA GLY B 207 21.66 18.43 -16.68
C GLY B 207 22.48 19.44 -15.89
N THR B 208 23.81 19.35 -15.99
CA THR B 208 24.49 18.48 -16.93
C THR B 208 25.57 17.65 -16.22
N PRO B 209 26.00 16.53 -16.82
CA PRO B 209 27.24 15.91 -16.32
C PRO B 209 28.44 16.77 -16.70
N SER B 210 29.55 16.57 -15.98
CA SER B 210 30.84 17.19 -16.30
C SER B 210 31.92 16.26 -15.75
N ASN B 211 33.17 16.72 -15.70
CA ASN B 211 34.23 15.89 -15.14
C ASN B 211 34.97 16.54 -13.97
N ILE B 212 35.66 15.71 -13.21
CA ILE B 212 36.41 16.17 -12.05
C ILE B 212 37.80 15.52 -11.98
N GLU B 213 38.79 16.34 -11.65
CA GLU B 213 40.11 15.83 -11.33
C GLU B 213 40.07 15.23 -9.94
N VAL B 214 40.31 13.93 -9.83
CA VAL B 214 40.32 13.28 -8.52
C VAL B 214 41.59 13.57 -7.77
N ASP B 215 41.47 14.31 -6.67
CA ASP B 215 42.61 14.58 -5.84
C ASP B 215 42.80 13.44 -4.85
N GLU B 216 43.89 13.49 -4.09
CA GLU B 216 44.20 12.44 -3.13
C GLU B 216 43.19 12.30 -1.99
N LYS B 217 42.63 13.43 -1.56
CA LYS B 217 41.61 13.43 -0.51
C LYS B 217 40.35 12.68 -0.95
N LEU B 218 39.95 12.90 -2.19
CA LEU B 218 38.76 12.27 -2.74
C LEU B 218 39.01 10.77 -2.98
N LYS B 219 40.15 10.46 -3.59
CA LYS B 219 40.55 9.07 -3.80
C LYS B 219 40.52 8.25 -2.50
N GLU B 220 41.14 8.76 -1.43
CA GLU B 220 41.20 8.03 -0.15
C GLU B 220 39.85 7.87 0.54
N THR B 221 39.02 8.91 0.46
CA THR B 221 37.64 8.88 0.95
C THR B 221 36.85 7.72 0.32
N VAL B 222 36.93 7.63 -1.01
CA VAL B 222 36.26 6.58 -1.77
C VAL B 222 36.80 5.20 -1.41
N VAL B 223 38.12 5.04 -1.43
CA VAL B 223 38.75 3.76 -1.08
C VAL B 223 38.39 3.32 0.35
N LYS B 224 38.53 4.23 1.30
CA LYS B 224 38.20 3.92 2.70
C LYS B 224 36.74 3.49 2.87
N ALA B 225 35.83 4.22 2.22
CA ALA B 225 34.40 3.95 2.37
C ALA B 225 34.03 2.60 1.74
N VAL B 226 34.47 2.37 0.50
CA VAL B 226 34.22 1.10 -0.17
CA VAL B 226 34.28 1.10 -0.21
C VAL B 226 34.81 -0.09 0.58
N SER B 227 35.95 0.11 1.24
CA SER B 227 36.61 -0.98 1.96
C SER B 227 35.88 -1.37 3.25
N ILE B 228 35.39 -0.38 3.96
CA ILE B 228 34.66 -0.58 5.20
C ILE B 228 33.33 -1.33 4.94
N VAL B 229 32.62 -1.00 3.86
CA VAL B 229 31.38 -1.75 3.50
C VAL B 229 31.66 -3.08 2.79
N HIS B 230 32.91 -3.26 2.36
CA HIS B 230 33.38 -4.49 1.71
C HIS B 230 32.78 -4.63 0.32
N GLY B 231 32.49 -3.50 -0.31
CA GLY B 231 31.86 -3.52 -1.65
C GLY B 231 32.88 -3.98 -2.67
N GLU B 232 32.49 -4.95 -3.50
CA GLU B 232 33.39 -5.45 -4.54
C GLU B 232 33.20 -4.77 -5.90
N PHE B 233 31.96 -4.41 -6.23
CA PHE B 233 31.66 -3.60 -7.40
C PHE B 233 30.54 -2.60 -7.05
N VAL B 234 30.92 -1.37 -6.75
CA VAL B 234 29.97 -0.36 -6.24
C VAL B 234 30.20 1.00 -6.85
N SER B 235 29.15 1.83 -6.87
CA SER B 235 29.29 3.27 -7.01
C SER B 235 29.16 3.94 -5.64
N ILE B 236 29.76 5.14 -5.52
CA ILE B 236 29.68 5.89 -4.30
C ILE B 236 29.35 7.35 -4.62
N ASP B 237 28.43 7.91 -3.85
CA ASP B 237 27.98 9.28 -4.10
C ASP B 237 28.54 10.18 -3.02
N ILE B 238 29.24 11.23 -3.42
CA ILE B 238 30.00 12.11 -2.54
C ILE B 238 29.44 13.52 -2.68
N LEU B 239 29.30 14.21 -1.56
CA LEU B 239 28.96 15.62 -1.58
C LEU B 239 30.17 16.38 -1.05
N GLU B 240 30.52 17.44 -1.74
CA GLU B 240 31.59 18.32 -1.32
C GLU B 240 31.00 19.23 -0.26
N HIS B 241 31.67 19.29 0.87
CA HIS B 241 31.17 20.04 1.99
C HIS B 241 32.12 21.20 2.28
N PRO B 242 31.58 22.41 2.56
CA PRO B 242 32.38 23.59 2.89
C PRO B 242 33.48 23.36 3.96
N ASN B 243 33.18 22.51 4.95
CA ASN B 243 34.04 22.28 6.13
C ASN B 243 34.66 20.89 6.21
N LYS B 244 33.90 19.86 5.85
CA LYS B 244 34.35 18.47 5.95
C LYS B 244 35.11 17.99 4.72
N GLY B 245 35.10 18.79 3.65
CA GLY B 245 35.82 18.45 2.41
C GLY B 245 35.06 17.56 1.42
N TYR B 246 35.03 16.27 1.71
CA TYR B 246 34.20 15.33 0.97
C TYR B 246 33.43 14.48 1.97
N VAL B 247 32.12 14.36 1.79
CA VAL B 247 31.34 13.48 2.67
C VAL B 247 30.65 12.40 1.85
N VAL B 248 30.46 11.22 2.43
CA VAL B 248 29.84 10.13 1.69
C VAL B 248 28.34 10.15 1.87
N ASN B 249 27.62 10.26 0.75
CA ASN B 249 26.16 10.32 0.82
C ASN B 249 25.47 8.95 0.68
N GLU B 250 26.04 8.11 -0.17
CA GLU B 250 25.39 6.85 -0.58
C GLU B 250 26.41 5.93 -1.20
N LEU B 251 26.19 4.63 -1.05
CA LEU B 251 26.84 3.59 -1.89
C LEU B 251 25.73 2.89 -2.66
N ASN B 252 25.97 2.55 -3.94
CA ASN B 252 25.01 1.77 -4.72
C ASN B 252 25.60 0.40 -5.00
N ASP B 253 24.87 -0.64 -4.62
CA ASP B 253 25.38 -2.01 -4.74
C ASP B 253 25.05 -2.68 -6.08
N VAL B 254 24.26 -2.01 -6.94
CA VAL B 254 24.09 -2.45 -8.33
C VAL B 254 24.29 -1.21 -9.20
N PRO B 255 25.56 -0.77 -9.32
CA PRO B 255 25.76 0.57 -9.85
C PRO B 255 25.38 0.69 -11.32
N GLU B 256 24.70 1.77 -11.69
CA GLU B 256 24.56 2.13 -13.09
C GLU B 256 25.91 2.69 -13.55
N PHE B 257 26.18 2.68 -14.86
CA PHE B 257 27.47 3.22 -15.35
C PHE B 257 27.43 3.73 -16.79
N LYS B 258 26.26 3.69 -17.42
CA LYS B 258 26.06 4.25 -18.77
C LYS B 258 26.58 5.71 -18.86
N GLY B 259 26.16 6.54 -17.91
CA GLY B 259 26.61 7.94 -17.83
C GLY B 259 28.04 8.11 -17.39
N PHE B 260 28.47 7.27 -16.44
CA PHE B 260 29.85 7.23 -16.02
C PHE B 260 30.75 6.99 -17.25
N MET B 261 30.32 6.12 -18.15
CA MET B 261 31.10 5.80 -19.34
C MET B 261 31.17 6.97 -20.32
N VAL B 262 30.05 7.62 -20.58
CA VAL B 262 30.05 8.81 -21.45
C VAL B 262 30.99 9.88 -20.87
N ALA B 263 30.98 10.05 -19.55
CA ALA B 263 31.83 11.07 -18.91
C ALA B 263 33.34 10.74 -18.81
N THR B 264 33.65 9.48 -18.57
CA THR B 264 35.03 9.11 -18.24
C THR B 264 35.74 8.31 -19.34
N ASN B 265 34.97 7.78 -20.29
CA ASN B 265 35.47 6.89 -21.33
C ASN B 265 36.17 5.65 -20.79
N ILE B 266 35.65 5.15 -19.66
CA ILE B 266 36.20 3.96 -19.03
C ILE B 266 35.27 2.77 -19.33
N ASN B 267 35.88 1.65 -19.70
CA ASN B 267 35.13 0.42 -19.94
C ASN B 267 34.94 -0.27 -18.60
N VAL B 268 33.87 0.13 -17.91
CA VAL B 268 33.51 -0.45 -16.61
C VAL B 268 33.31 -1.96 -16.72
N ALA B 269 32.53 -2.39 -17.71
CA ALA B 269 32.29 -3.83 -17.90
C ALA B 269 33.57 -4.62 -18.08
N GLN B 270 34.52 -4.06 -18.84
CA GLN B 270 35.78 -4.74 -19.13
C GLN B 270 36.62 -4.88 -17.88
N LYS B 271 36.64 -3.80 -17.08
CA LYS B 271 37.36 -3.78 -15.81
C LYS B 271 36.80 -4.80 -14.83
N LEU B 272 35.47 -4.93 -14.82
CA LEU B 272 34.81 -5.92 -13.96
C LEU B 272 35.23 -7.35 -14.33
N VAL B 273 35.09 -7.67 -15.61
CA VAL B 273 35.39 -9.01 -16.12
C VAL B 273 36.85 -9.40 -15.97
N GLU B 274 37.76 -8.42 -16.11
CA GLU B 274 39.19 -8.68 -15.87
C GLU B 274 39.43 -8.91 -14.38
N TYR B 275 38.75 -8.14 -13.55
CA TYR B 275 38.85 -8.31 -12.11
C TYR B 275 38.40 -9.73 -11.65
N ILE B 276 37.30 -10.22 -12.23
CA ILE B 276 36.75 -11.54 -11.91
C ILE B 276 37.68 -12.66 -12.37
N LYS B 277 38.18 -12.53 -13.60
CA LYS B 277 39.21 -13.46 -14.12
C LYS B 277 40.48 -13.49 -13.26
N GLU B 278 41.00 -12.31 -12.93
CA GLU B 278 42.24 -12.19 -12.15
C GLU B 278 42.10 -12.78 -10.75
N ASN B 279 40.90 -12.73 -10.18
CA ASN B 279 40.70 -13.18 -8.81
C ASN B 279 39.95 -14.51 -8.58
N TYR B 280 39.19 -14.97 -9.57
CA TYR B 280 38.28 -16.11 -9.36
C TYR B 280 38.41 -17.26 -10.36
N SER B 281 39.50 -17.29 -11.11
CA SER B 281 39.68 -18.32 -12.16
C SER B 281 40.06 -19.73 -11.66
N LYS B 282 40.82 -19.82 -10.57
CA LYS B 282 41.32 -21.10 -10.04
C LYS B 282 42.47 -21.62 -10.91
N MET C 1 -44.17 0.71 13.01
CA MET C 1 -42.83 1.00 12.44
C MET C 1 -41.76 0.14 13.12
N ARG C 2 -40.84 -0.38 12.32
CA ARG C 2 -39.61 -0.91 12.88
C ARG C 2 -38.33 -0.50 12.15
N VAL C 3 -37.33 -0.20 12.95
CA VAL C 3 -36.09 0.39 12.50
C VAL C 3 -34.96 -0.63 12.71
N VAL C 4 -33.97 -0.62 11.83
CA VAL C 4 -32.71 -1.32 12.11
C VAL C 4 -31.59 -0.29 12.23
N LEU C 5 -30.80 -0.40 13.29
CA LEU C 5 -29.62 0.43 13.45
C LEU C 5 -28.40 -0.40 12.99
N ILE C 6 -27.67 0.13 12.00
CA ILE C 6 -26.53 -0.57 11.42
C ILE C 6 -25.23 -0.01 12.00
N VAL C 7 -24.43 -0.85 12.64
CA VAL C 7 -23.21 -0.40 13.30
C VAL C 7 -22.04 -1.34 12.98
N ASP C 8 -20.84 -0.92 13.33
CA ASP C 8 -19.65 -1.79 13.34
C ASP C 8 -18.88 -1.58 14.64
N ILE C 9 -18.41 -0.36 14.88
CA ILE C 9 -17.85 0.01 16.17
C ILE C 9 -18.85 0.91 16.88
N VAL C 10 -19.48 0.40 17.95
CA VAL C 10 -20.49 1.23 18.64
C VAL C 10 -19.82 2.22 19.59
N ARG C 11 -19.95 3.50 19.22
CA ARG C 11 -19.40 4.60 20.00
C ARG C 11 -20.54 5.19 20.81
N GLN C 12 -20.23 6.23 21.59
CA GLN C 12 -21.27 6.93 22.36
C GLN C 12 -22.47 7.33 21.50
N GLU C 13 -22.20 7.83 20.29
CA GLU C 13 -23.24 8.17 19.33
C GLU C 13 -24.26 7.07 19.11
N GLU C 14 -23.78 5.87 18.76
CA GLU C 14 -24.69 4.75 18.48
C GLU C 14 -25.47 4.30 19.72
N LYS C 15 -24.82 4.35 20.88
CA LYS C 15 -25.49 4.09 22.17
C LYS C 15 -26.64 5.08 22.40
N LEU C 16 -26.32 6.37 22.22
CA LEU C 16 -27.32 7.44 22.33
C LEU C 16 -28.49 7.24 21.38
N ILE C 17 -28.19 6.87 20.12
CA ILE C 17 -29.22 6.60 19.14
C ILE C 17 -30.04 5.37 19.57
N ALA C 18 -29.38 4.30 19.99
CA ALA C 18 -30.07 3.12 20.57
C ALA C 18 -31.00 3.52 21.73
N LYS C 19 -30.45 4.26 22.69
CA LYS C 19 -31.19 4.72 23.86
C LYS C 19 -32.41 5.57 23.48
N ALA C 20 -32.26 6.44 22.48
CA ALA C 20 -33.34 7.29 22.04
C ALA C 20 -34.47 6.47 21.41
N LEU C 21 -34.14 5.45 20.65
CA LEU C 21 -35.17 4.60 20.03
C LEU C 21 -36.04 3.86 21.06
N GLU C 22 -35.39 3.38 22.11
CA GLU C 22 -36.04 2.55 23.10
C GLU C 22 -37.07 3.42 23.84
N GLU C 23 -36.60 4.49 24.47
CA GLU C 23 -37.45 5.37 25.26
C GLU C 23 -38.43 6.26 24.46
N ASN C 24 -38.33 6.24 23.14
CA ASN C 24 -39.40 6.76 22.26
C ASN C 24 -40.30 5.64 21.78
N LYS C 25 -40.11 4.45 22.35
CA LYS C 25 -40.96 3.29 22.11
C LYS C 25 -40.99 2.91 20.63
N VAL C 26 -39.85 3.05 19.97
CA VAL C 26 -39.68 2.55 18.62
C VAL C 26 -39.09 1.15 18.65
N GLN C 27 -39.79 0.25 17.96
CA GLN C 27 -39.36 -1.11 17.71
C GLN C 27 -38.09 -1.04 16.86
N TYR C 28 -37.01 -1.67 17.33
CA TYR C 28 -35.76 -1.67 16.56
C TYR C 28 -34.90 -2.88 16.87
N ASP C 29 -33.94 -3.12 15.99
CA ASP C 29 -32.85 -4.00 16.31
CA ASP C 29 -32.89 -4.10 16.17
C ASP C 29 -31.55 -3.50 15.71
N ILE C 30 -30.46 -4.04 16.21
CA ILE C 30 -29.14 -3.67 15.74
C ILE C 30 -28.61 -4.80 14.88
N ILE C 31 -28.02 -4.45 13.74
CA ILE C 31 -27.19 -5.40 12.97
C ILE C 31 -25.78 -4.84 13.00
N ASN C 32 -24.86 -5.59 13.59
CA ASN C 32 -23.46 -5.25 13.57
C ASN C 32 -22.80 -5.88 12.33
N VAL C 33 -22.47 -5.02 11.36
CA VAL C 33 -21.88 -5.46 10.08
C VAL C 33 -20.36 -5.73 10.13
N ALA C 34 -19.75 -5.58 11.31
CA ALA C 34 -18.40 -6.12 11.54
C ALA C 34 -18.47 -7.59 11.92
N GLN C 35 -19.68 -8.07 12.19
CA GLN C 35 -19.89 -9.43 12.70
C GLN C 35 -20.79 -10.26 11.81
N GLU C 36 -21.75 -9.62 11.12
CA GLU C 36 -22.73 -10.38 10.34
C GLU C 36 -22.68 -10.04 8.84
N PRO C 37 -22.84 -11.07 7.99
CA PRO C 37 -22.96 -10.78 6.57
C PRO C 37 -24.39 -10.33 6.20
N LEU C 38 -24.48 -9.67 5.05
CA LEU C 38 -25.74 -9.12 4.57
C LEU C 38 -26.10 -9.79 3.26
N PRO C 39 -27.11 -10.67 3.28
CA PRO C 39 -27.55 -11.28 2.04
C PRO C 39 -28.35 -10.28 1.21
N PHE C 40 -28.36 -10.46 -0.10
CA PHE C 40 -29.34 -9.79 -0.92
C PHE C 40 -30.56 -10.65 -0.84
N ASN C 41 -31.33 -10.45 0.21
CA ASN C 41 -32.59 -11.15 0.40
C ASN C 41 -33.72 -10.12 0.46
N LYS C 42 -34.96 -10.60 0.61
CA LYS C 42 -36.16 -9.77 0.51
C LYS C 42 -36.74 -9.44 1.88
N ALA C 43 -36.29 -10.15 2.92
CA ALA C 43 -36.92 -10.06 4.23
C ALA C 43 -36.23 -9.09 5.20
N LEU C 44 -35.20 -8.38 4.72
CA LEU C 44 -34.72 -7.20 5.44
C LEU C 44 -35.79 -6.13 5.28
N GLY C 45 -36.66 -6.36 4.31
CA GLY C 45 -37.83 -5.52 4.06
C GLY C 45 -38.78 -5.43 5.23
N ARG C 46 -38.49 -6.16 6.30
CA ARG C 46 -39.26 -6.06 7.55
C ARG C 46 -39.04 -4.73 8.26
N TYR C 47 -37.90 -4.08 7.98
CA TYR C 47 -37.63 -2.74 8.52
C TYR C 47 -38.14 -1.64 7.59
N ASP C 48 -38.71 -0.60 8.17
CA ASP C 48 -39.27 0.53 7.41
C ASP C 48 -38.17 1.53 7.07
N VAL C 49 -37.12 1.52 7.87
CA VAL C 49 -36.02 2.44 7.72
C VAL C 49 -34.81 1.92 8.51
N ALA C 50 -33.61 2.27 8.02
CA ALA C 50 -32.37 1.88 8.64
C ALA C 50 -31.54 3.13 8.89
N ILE C 51 -30.88 3.14 10.04
CA ILE C 51 -30.01 4.23 10.46
C ILE C 51 -28.58 3.73 10.24
N ILE C 52 -27.89 4.35 9.28
CA ILE C 52 -26.59 3.85 8.84
C ILE C 52 -25.48 4.52 9.64
N ARG C 53 -24.84 3.74 10.53
CA ARG C 53 -23.85 4.24 11.49
C ARG C 53 -22.42 3.60 11.48
N PRO C 54 -22.13 2.65 10.54
CA PRO C 54 -20.75 2.15 10.52
C PRO C 54 -19.74 3.29 10.42
N VAL C 55 -18.66 3.12 11.17
CA VAL C 55 -17.60 4.11 11.30
C VAL C 55 -16.72 4.22 10.02
N SER C 56 -16.72 3.19 9.18
CA SER C 56 -15.98 3.25 7.91
CA SER C 56 -15.98 3.22 7.92
C SER C 56 -16.90 3.43 6.71
N MET C 57 -16.47 4.27 5.78
CA MET C 57 -17.29 4.60 4.61
C MET C 57 -17.72 3.36 3.82
N TYR C 58 -16.81 2.43 3.55
CA TYR C 58 -17.21 1.25 2.77
C TYR C 58 -18.32 0.45 3.44
N ARG C 59 -18.23 0.31 4.76
CA ARG C 59 -19.30 -0.39 5.51
C ARG C 59 -20.63 0.34 5.51
N ALA C 60 -20.57 1.66 5.64
CA ALA C 60 -21.78 2.50 5.55
C ALA C 60 -22.38 2.40 4.15
N LEU C 61 -21.54 2.58 3.12
CA LEU C 61 -21.99 2.52 1.73
C LEU C 61 -22.66 1.19 1.39
N TYR C 62 -21.96 0.09 1.68
CA TYR C 62 -22.44 -1.22 1.28
C TYR C 62 -23.60 -1.75 2.09
N SER C 63 -23.65 -1.45 3.39
CA SER C 63 -24.81 -1.87 4.18
C SER C 63 -26.07 -1.12 3.73
N SER C 64 -25.93 0.16 3.44
CA SER C 64 -27.04 0.96 2.92
C SER C 64 -27.54 0.38 1.60
N ALA C 65 -26.61 0.10 0.68
CA ALA C 65 -26.93 -0.49 -0.63
C ALA C 65 -27.68 -1.83 -0.51
N VAL C 66 -27.26 -2.69 0.41
CA VAL C 66 -27.92 -3.97 0.59
C VAL C 66 -29.33 -3.79 1.14
N LEU C 67 -29.45 -2.95 2.16
CA LEU C 67 -30.76 -2.65 2.72
C LEU C 67 -31.69 -2.03 1.69
N GLU C 68 -31.15 -1.11 0.87
CA GLU C 68 -31.91 -0.49 -0.23
C GLU C 68 -32.47 -1.51 -1.18
N ALA C 69 -31.69 -2.54 -1.49
CA ALA C 69 -32.09 -3.61 -2.42
C ALA C 69 -33.34 -4.37 -1.94
N ALA C 70 -33.51 -4.44 -0.62
CA ALA C 70 -34.67 -5.06 0.02
C ALA C 70 -35.83 -4.08 0.18
N GLY C 71 -35.68 -2.86 -0.38
CA GLY C 71 -36.74 -1.82 -0.34
C GLY C 71 -36.76 -0.98 0.93
N VAL C 72 -35.70 -1.07 1.71
CA VAL C 72 -35.63 -0.34 2.96
C VAL C 72 -34.99 1.02 2.73
N HIS C 73 -35.65 2.08 3.19
CA HIS C 73 -35.09 3.41 3.13
C HIS C 73 -34.01 3.61 4.17
N THR C 74 -32.85 4.10 3.74
CA THR C 74 -31.74 4.23 4.67
C THR C 74 -31.41 5.71 4.96
N ILE C 75 -31.01 5.97 6.19
CA ILE C 75 -30.55 7.29 6.59
C ILE C 75 -29.11 7.13 6.99
N ASN C 76 -28.16 7.62 6.18
CA ASN C 76 -28.39 8.24 4.88
C ASN C 76 -28.41 7.20 3.75
N SER C 77 -28.84 7.63 2.56
CA SER C 77 -28.93 6.75 1.39
CA SER C 77 -28.93 6.75 1.39
C SER C 77 -27.56 6.50 0.75
N SER C 78 -27.46 5.42 -0.01
CA SER C 78 -26.16 5.03 -0.58
C SER C 78 -25.60 6.11 -1.52
N ASP C 79 -26.48 6.74 -2.31
CA ASP C 79 -26.03 7.83 -3.18
C ASP C 79 -25.49 9.02 -2.39
N VAL C 80 -26.17 9.37 -1.29
CA VAL C 80 -25.74 10.44 -0.38
C VAL C 80 -24.39 10.12 0.27
N ILE C 81 -24.21 8.87 0.68
CA ILE C 81 -22.94 8.43 1.27
C ILE C 81 -21.84 8.56 0.21
N ASN C 82 -22.14 8.18 -1.02
CA ASN C 82 -21.10 8.29 -2.07
C ASN C 82 -20.70 9.73 -2.36
N VAL C 83 -21.65 10.65 -2.28
CA VAL C 83 -21.39 12.05 -2.51
C VAL C 83 -20.66 12.68 -1.34
N CYS C 84 -21.23 12.59 -0.14
CA CYS C 84 -20.61 13.23 1.03
C CYS C 84 -19.22 12.68 1.34
N GLY C 85 -19.01 11.39 1.11
CA GLY C 85 -17.73 10.77 1.33
C GLY C 85 -16.61 11.15 0.37
N ASP C 86 -16.95 11.87 -0.72
CA ASP C 86 -15.96 12.30 -1.70
C ASP C 86 -16.03 13.80 -1.95
N LYS C 87 -14.98 14.53 -1.57
CA LYS C 87 -14.99 15.96 -1.73
C LYS C 87 -15.15 16.43 -3.16
N ILE C 88 -14.58 15.72 -4.14
CA ILE C 88 -14.74 16.12 -5.56
C ILE C 88 -16.21 16.03 -5.98
N LEU C 89 -16.86 14.92 -5.60
CA LEU C 89 -18.30 14.77 -5.87
C LEU C 89 -19.15 15.79 -5.11
N THR C 90 -18.80 16.05 -3.85
CA THR C 90 -19.51 17.10 -3.08
C THR C 90 -19.34 18.48 -3.73
N TYR C 91 -18.09 18.89 -3.98
CA TYR C 91 -17.81 20.16 -4.63
C TYR C 91 -18.52 20.31 -5.97
N SER C 92 -18.53 19.24 -6.77
CA SER C 92 -19.24 19.21 -8.06
C SER C 92 -20.74 19.61 -7.96
N LYS C 93 -21.48 18.98 -7.03
CA LYS C 93 -22.90 19.32 -6.79
C LYS C 93 -23.11 20.74 -6.27
N LEU C 94 -22.26 21.15 -5.34
CA LEU C 94 -22.33 22.48 -4.79
C LEU C 94 -21.99 23.56 -5.85
N TYR C 95 -20.89 23.36 -6.58
CA TYR C 95 -20.49 24.33 -7.61
C TYR C 95 -21.56 24.51 -8.68
N ARG C 96 -22.14 23.39 -9.15
CA ARG C 96 -23.21 23.43 -10.17
C ARG C 96 -24.40 24.27 -9.70
N GLU C 97 -24.68 24.19 -8.41
CA GLU C 97 -25.79 24.92 -7.80
C GLU C 97 -25.42 26.36 -7.39
N GLY C 98 -24.14 26.73 -7.49
CA GLY C 98 -23.74 28.09 -7.17
C GLY C 98 -23.56 28.34 -5.69
N ILE C 99 -23.39 27.26 -4.93
CA ILE C 99 -23.11 27.29 -3.49
C ILE C 99 -21.59 27.44 -3.32
N PRO C 100 -21.15 28.46 -2.57
CA PRO C 100 -19.71 28.76 -2.54
C PRO C 100 -18.87 27.64 -1.91
N ILE C 101 -17.75 27.36 -2.56
CA ILE C 101 -16.78 26.34 -2.16
C ILE C 101 -15.40 26.98 -2.22
N PRO C 102 -14.37 26.39 -1.57
CA PRO C 102 -13.07 27.02 -1.82
C PRO C 102 -12.72 26.87 -3.30
N ASP C 103 -12.10 27.91 -3.87
CA ASP C 103 -11.69 27.86 -5.28
C ASP C 103 -10.84 26.62 -5.48
N SER C 104 -11.27 25.72 -6.36
CA SER C 104 -10.65 24.39 -6.47
C SER C 104 -10.30 24.01 -7.90
N ILE C 105 -9.18 23.32 -8.05
CA ILE C 105 -8.74 22.76 -9.35
C ILE C 105 -8.40 21.31 -9.07
N ILE C 106 -8.89 20.43 -9.95
CA ILE C 106 -8.69 19.00 -9.76
C ILE C 106 -7.53 18.52 -10.62
N ALA C 107 -6.63 17.75 -10.01
CA ALA C 107 -5.52 17.19 -10.77
C ALA C 107 -5.38 15.71 -10.55
N LEU C 108 -5.28 14.95 -11.65
CA LEU C 108 -5.37 13.51 -11.59
C LEU C 108 -4.08 12.75 -11.92
N SER C 109 -2.94 13.43 -11.82
CA SER C 109 -1.63 12.80 -12.02
C SER C 109 -0.61 13.76 -11.44
N ALA C 110 0.63 13.28 -11.27
CA ALA C 110 1.76 14.15 -10.88
C ALA C 110 1.94 15.34 -11.84
N GLU C 111 1.87 15.08 -13.14
CA GLU C 111 2.03 16.14 -14.16
C GLU C 111 0.93 17.21 -14.03
N ALA C 112 -0.31 16.76 -13.95
CA ALA C 112 -1.44 17.65 -13.81
C ALA C 112 -1.38 18.45 -12.50
N ALA C 113 -0.88 17.82 -11.44
CA ALA C 113 -0.80 18.48 -10.13
C ALA C 113 0.13 19.68 -10.19
N LEU C 114 1.30 19.51 -10.79
CA LEU C 114 2.24 20.63 -10.96
C LEU C 114 1.63 21.76 -11.80
N LYS C 115 0.97 21.39 -12.91
CA LYS C 115 0.27 22.39 -13.71
C LYS C 115 -0.80 23.15 -12.93
N ALA C 116 -1.54 22.44 -12.08
CA ALA C 116 -2.55 23.06 -11.24
C ALA C 116 -1.93 24.07 -10.24
N TYR C 117 -0.83 23.67 -9.62
CA TYR C 117 -0.09 24.53 -8.71
C TYR C 117 0.27 25.83 -9.43
N GLU C 118 0.84 25.68 -10.62
CA GLU C 118 1.22 26.80 -11.48
C GLU C 118 0.03 27.68 -11.87
N GLN C 119 -1.13 27.08 -12.15
CA GLN C 119 -2.31 27.84 -12.51
C GLN C 119 -2.88 28.61 -11.33
N ARG C 120 -2.69 28.07 -10.13
CA ARG C 120 -3.32 28.57 -8.91
C ARG C 120 -2.46 29.63 -8.22
N GLY C 121 -1.13 29.49 -8.34
CA GLY C 121 -0.20 30.31 -7.58
C GLY C 121 -0.12 29.85 -6.13
N PHE C 122 0.85 30.38 -5.39
CA PHE C 122 1.17 29.99 -4.03
C PHE C 122 0.94 31.17 -3.12
N PRO C 123 0.53 30.91 -1.87
CA PRO C 123 0.34 29.58 -1.27
C PRO C 123 -0.96 28.91 -1.72
N LEU C 124 -1.05 27.60 -1.51
CA LEU C 124 -2.25 26.85 -1.87
C LEU C 124 -2.42 25.68 -0.93
N ILE C 125 -3.60 25.08 -0.96
CA ILE C 125 -3.91 23.87 -0.24
C ILE C 125 -4.04 22.75 -1.26
N ASP C 126 -3.46 21.62 -0.94
CA ASP C 126 -3.65 20.38 -1.70
C ASP C 126 -4.10 19.27 -0.74
N LYS C 127 -5.26 18.69 -1.01
CA LYS C 127 -5.77 17.55 -0.27
C LYS C 127 -6.39 16.50 -1.21
N PRO C 128 -6.41 15.23 -0.78
CA PRO C 128 -7.11 14.22 -1.56
C PRO C 128 -8.65 14.28 -1.32
N PRO C 129 -9.42 13.58 -2.17
CA PRO C 129 -10.87 13.70 -2.06
C PRO C 129 -11.50 12.89 -0.93
N ILE C 130 -10.69 12.05 -0.28
CA ILE C 130 -11.11 10.99 0.64
C ILE C 130 -10.47 11.20 2.02
N GLY C 131 -10.98 10.49 3.02
CA GLY C 131 -10.42 10.56 4.38
C GLY C 131 -10.59 11.95 4.95
N SER C 132 -9.71 12.36 5.85
CA SER C 132 -8.69 11.49 6.45
C SER C 132 -8.22 12.04 7.80
N TRP C 133 -9.11 12.75 8.50
CA TRP C 133 -8.85 13.35 9.81
C TRP C 133 -7.80 14.48 9.76
N GLY C 134 -7.90 15.32 8.72
CA GLY C 134 -6.93 16.40 8.50
C GLY C 134 -5.72 15.82 7.82
N ARG C 135 -5.82 14.53 7.51
CA ARG C 135 -4.71 13.84 6.90
C ARG C 135 -4.56 14.19 5.45
N LEU C 136 -3.30 14.43 5.12
CA LEU C 136 -2.80 14.66 3.80
C LEU C 136 -3.30 15.99 3.26
N VAL C 137 -3.81 16.85 4.14
CA VAL C 137 -4.05 18.22 3.76
C VAL C 137 -2.74 19.00 3.89
N SER C 138 -2.23 19.50 2.78
CA SER C 138 -0.92 20.17 2.78
C SER C 138 -1.00 21.63 2.39
N LEU C 139 -0.34 22.47 3.19
CA LEU C 139 -0.24 23.90 2.88
C LEU C 139 1.06 24.10 2.13
N ILE C 140 0.96 24.46 0.85
CA ILE C 140 2.11 24.48 -0.04
C ILE C 140 2.51 25.92 -0.38
N ARG C 141 3.78 26.26 -0.13
CA ARG C 141 4.21 27.68 -0.15
C ARG C 141 5.05 28.08 -1.37
N ASP C 142 5.61 27.10 -2.06
CA ASP C 142 6.41 27.35 -3.25
C ASP C 142 6.55 26.06 -4.04
N VAL C 143 7.16 26.15 -5.22
CA VAL C 143 7.32 25.03 -6.14
C VAL C 143 8.13 23.85 -5.55
N PHE C 144 9.21 24.11 -4.80
CA PHE C 144 9.94 23.01 -4.15
C PHE C 144 9.03 22.15 -3.23
N GLU C 145 8.29 22.83 -2.37
CA GLU C 145 7.33 22.16 -1.49
C GLU C 145 6.29 21.35 -2.29
N GLY C 146 5.73 21.99 -3.33
CA GLY C 146 4.77 21.31 -4.20
C GLY C 146 5.35 20.03 -4.78
N LYS C 147 6.57 20.13 -5.31
CA LYS C 147 7.21 18.98 -5.95
C LYS C 147 7.41 17.82 -5.00
N THR C 148 7.81 18.09 -3.75
CA THR C 148 7.95 16.98 -2.82
C THR C 148 6.59 16.37 -2.40
N ILE C 149 5.56 17.20 -2.26
CA ILE C 149 4.20 16.72 -1.92
C ILE C 149 3.68 15.83 -3.05
N ILE C 150 3.84 16.29 -4.28
CA ILE C 150 3.44 15.48 -5.45
C ILE C 150 4.12 14.10 -5.38
N GLU C 151 5.44 14.09 -5.19
CA GLU C 151 6.14 12.81 -5.08
C GLU C 151 5.63 11.90 -3.96
N HIS C 152 5.32 12.48 -2.79
CA HIS C 152 4.78 11.69 -1.67
C HIS C 152 3.38 11.15 -1.94
N ARG C 153 2.49 11.97 -2.52
CA ARG C 153 1.14 11.50 -2.91
C ARG C 153 1.17 10.37 -3.93
N GLU C 154 2.08 10.48 -4.92
CA GLU C 154 2.28 9.43 -5.93
C GLU C 154 2.60 8.08 -5.34
N LEU C 155 3.34 8.07 -4.25
CA LEU C 155 3.77 6.83 -3.63
C LEU C 155 2.80 6.33 -2.54
N MET C 156 1.61 6.94 -2.44
CA MET C 156 0.55 6.44 -1.56
C MET C 156 0.03 5.09 -2.10
N GLY C 157 -0.11 4.10 -1.21
CA GLY C 157 -0.66 2.78 -1.57
C GLY C 157 -2.17 2.75 -1.87
N ASN C 158 -2.74 3.91 -2.20
CA ASN C 158 -4.16 4.02 -2.57
C ASN C 158 -4.41 4.91 -3.79
N SER C 159 -5.32 4.47 -4.64
CA SER C 159 -5.66 5.16 -5.89
C SER C 159 -6.35 6.53 -5.76
N ALA C 160 -7.30 6.66 -4.84
CA ALA C 160 -8.02 7.95 -4.68
C ALA C 160 -7.22 8.99 -3.87
N LEU C 161 -6.29 8.51 -3.06
CA LEU C 161 -5.35 9.40 -2.38
C LEU C 161 -4.37 10.08 -3.35
N LYS C 162 -4.44 9.69 -4.63
CA LYS C 162 -3.59 10.24 -5.70
CA LYS C 162 -3.58 10.26 -5.66
C LYS C 162 -4.24 11.37 -6.50
N ALA C 163 -5.56 11.53 -6.37
CA ALA C 163 -6.23 12.69 -6.97
C ALA C 163 -5.99 13.89 -6.06
N HIS C 164 -5.69 15.04 -6.67
CA HIS C 164 -5.38 16.27 -5.93
C HIS C 164 -6.51 17.26 -6.03
N ILE C 165 -6.91 17.81 -4.89
CA ILE C 165 -7.81 18.96 -4.90
C ILE C 165 -6.95 20.18 -4.54
N VAL C 166 -6.70 21.03 -5.53
CA VAL C 166 -5.79 22.15 -5.35
C VAL C 166 -6.62 23.41 -5.12
N GLN C 167 -6.50 23.98 -3.92
CA GLN C 167 -7.40 25.04 -3.47
C GLN C 167 -6.71 26.33 -3.05
N GLU C 168 -7.48 27.41 -3.12
CA GLU C 168 -7.09 28.67 -2.46
C GLU C 168 -6.90 28.38 -0.98
N TYR C 169 -5.91 29.05 -0.39
CA TYR C 169 -5.69 28.94 1.04
C TYR C 169 -6.54 30.01 1.73
N ILE C 170 -7.55 29.56 2.46
CA ILE C 170 -8.46 30.47 3.17
C ILE C 170 -7.94 30.77 4.57
N GLN C 171 -7.61 32.04 4.81
CA GLN C 171 -7.24 32.48 6.15
C GLN C 171 -7.93 33.80 6.52
N TYR C 172 -8.90 33.70 7.43
CA TYR C 172 -9.72 34.84 7.80
C TYR C 172 -9.90 34.92 9.31
N LYS C 173 -10.66 33.99 9.88
CA LYS C 173 -10.96 34.02 11.31
C LYS C 173 -10.29 32.91 12.12
N GLY C 174 -9.52 32.06 11.45
CA GLY C 174 -8.73 31.03 12.10
C GLY C 174 -9.57 29.95 12.76
N ARG C 175 -10.76 29.70 12.23
CA ARG C 175 -11.65 28.67 12.79
C ARG C 175 -12.40 27.85 11.74
N ASP C 176 -12.77 26.63 12.14
CA ASP C 176 -13.68 25.77 11.37
CA ASP C 176 -13.67 25.75 11.40
C ASP C 176 -15.05 25.80 12.05
N ILE C 177 -16.09 25.90 11.24
CA ILE C 177 -17.46 25.86 11.74
C ILE C 177 -18.06 24.50 11.35
N ARG C 178 -18.61 23.78 12.33
CA ARG C 178 -19.33 22.54 12.07
C ARG C 178 -20.78 22.62 12.51
N CYS C 179 -21.66 22.22 11.61
CA CYS C 179 -23.10 22.23 11.85
C CYS C 179 -23.67 20.84 11.65
N ILE C 180 -24.87 20.60 12.20
CA ILE C 180 -25.60 19.35 11.93
C ILE C 180 -27.02 19.66 11.47
N ALA C 181 -27.43 18.98 10.41
CA ALA C 181 -28.80 19.06 9.91
C ALA C 181 -29.51 17.71 9.96
N ILE C 182 -30.78 17.76 10.34
CA ILE C 182 -31.65 16.61 10.21
C ILE C 182 -32.70 17.00 9.19
N GLY C 183 -32.71 16.28 8.07
CA GLY C 183 -33.46 16.74 6.91
C GLY C 183 -33.00 18.14 6.57
N GLU C 184 -33.96 19.01 6.29
CA GLU C 184 -33.70 20.38 5.93
C GLU C 184 -33.51 21.28 7.12
N GLU C 185 -33.54 20.71 8.32
CA GLU C 185 -33.49 21.48 9.55
C GLU C 185 -32.08 21.62 10.11
N LEU C 186 -31.61 22.85 10.25
CA LEU C 186 -30.35 23.10 10.92
C LEU C 186 -30.54 22.98 12.44
N LEU C 187 -29.77 22.11 13.08
CA LEU C 187 -29.92 21.98 14.54
C LEU C 187 -29.09 23.04 15.25
N GLY C 188 -27.89 23.28 14.72
CA GLY C 188 -26.96 24.25 15.30
C GLY C 188 -25.59 24.10 14.68
N CYS C 189 -24.66 24.95 15.14
CA CYS C 189 -23.28 24.97 14.70
C CYS C 189 -22.38 25.28 15.88
N TYR C 190 -21.16 24.77 15.83
CA TYR C 190 -20.12 25.20 16.76
C TYR C 190 -18.82 25.47 16.03
N ALA C 191 -17.96 26.26 16.65
CA ALA C 191 -16.68 26.65 16.08
C ALA C 191 -15.51 25.90 16.71
N ARG C 192 -14.57 25.50 15.84
CA ARG C 192 -13.31 24.86 16.22
CA ARG C 192 -13.31 24.88 16.25
C ARG C 192 -12.17 25.80 15.83
N ASN C 193 -11.54 26.43 16.83
CA ASN C 193 -10.47 27.38 16.55
C ASN C 193 -9.13 26.67 16.28
N ILE C 194 -8.33 27.24 15.37
CA ILE C 194 -7.02 26.68 15.00
C ILE C 194 -6.02 26.82 16.15
N PRO C 195 -5.46 25.70 16.62
CA PRO C 195 -4.59 25.75 17.79
C PRO C 195 -3.25 26.41 17.47
N PRO C 196 -2.62 27.08 18.46
CA PRO C 196 -1.25 27.51 18.23
C PRO C 196 -0.32 26.29 18.34
N ASN C 197 0.69 26.22 17.46
CA ASN C 197 0.85 27.14 16.35
C ASN C 197 0.61 26.36 15.08
N GLU C 198 -0.66 26.18 14.75
CA GLU C 198 -1.10 25.42 13.58
C GLU C 198 -1.70 26.34 12.53
N TRP C 199 -2.03 25.76 11.37
CA TRP C 199 -2.76 26.45 10.30
C TRP C 199 -4.09 25.75 10.02
N ARG C 200 -4.41 24.79 10.90
CA ARG C 200 -5.36 23.72 10.63
C ARG C 200 -6.14 23.43 11.92
N ALA C 201 -7.46 23.51 11.86
CA ALA C 201 -8.29 23.19 13.04
C ALA C 201 -8.89 21.80 12.97
N PRO C 209 -13.85 24.43 21.47
CA PRO C 209 -15.09 23.99 20.84
C PRO C 209 -16.32 24.62 21.52
N SER C 210 -16.77 25.73 20.95
CA SER C 210 -17.81 26.56 21.57
C SER C 210 -19.01 26.77 20.65
N ASN C 211 -20.19 26.93 21.26
CA ASN C 211 -21.40 27.24 20.52
C ASN C 211 -21.23 28.57 19.77
N ILE C 212 -21.82 28.65 18.59
CA ILE C 212 -21.86 29.92 17.88
C ILE C 212 -23.32 30.26 17.56
N GLU C 213 -23.67 31.53 17.72
CA GLU C 213 -24.96 32.03 17.28
C GLU C 213 -24.96 32.01 15.75
N VAL C 214 -25.95 31.34 15.18
CA VAL C 214 -26.04 31.19 13.72
C VAL C 214 -26.71 32.41 13.09
N ASP C 215 -25.92 33.27 12.45
CA ASP C 215 -26.50 34.35 11.64
C ASP C 215 -27.25 33.74 10.46
N GLU C 216 -27.99 34.55 9.73
CA GLU C 216 -28.81 34.05 8.62
C GLU C 216 -28.00 33.63 7.40
N LYS C 217 -26.88 34.32 7.17
CA LYS C 217 -26.03 34.06 5.99
C LYS C 217 -25.49 32.62 6.06
N LEU C 218 -24.98 32.29 7.26
CA LEU C 218 -24.57 30.94 7.61
C LEU C 218 -25.70 29.91 7.48
N LYS C 219 -26.89 30.20 8.04
CA LYS C 219 -28.01 29.26 8.00
C LYS C 219 -28.39 28.91 6.56
N GLU C 220 -28.45 29.94 5.70
CA GLU C 220 -28.77 29.74 4.29
C GLU C 220 -27.73 28.88 3.55
N THR C 221 -26.46 29.16 3.77
CA THR C 221 -25.35 28.38 3.15
C THR C 221 -25.51 26.89 3.47
N VAL C 222 -25.68 26.60 4.75
CA VAL C 222 -25.84 25.24 5.24
C VAL C 222 -27.11 24.57 4.68
N VAL C 223 -28.23 25.27 4.76
CA VAL C 223 -29.50 24.66 4.32
C VAL C 223 -29.51 24.36 2.82
N LYS C 224 -28.97 25.26 2.01
CA LYS C 224 -28.82 24.98 0.57
C LYS C 224 -27.90 23.80 0.30
N ALA C 225 -26.79 23.69 1.04
CA ALA C 225 -25.85 22.57 0.86
C ALA C 225 -26.51 21.23 1.12
N VAL C 226 -27.22 21.10 2.23
CA VAL C 226 -27.89 19.84 2.54
C VAL C 226 -28.96 19.48 1.51
N SER C 227 -29.71 20.48 1.04
CA SER C 227 -30.80 20.25 0.09
C SER C 227 -30.25 19.63 -1.18
N ILE C 228 -29.14 20.19 -1.66
CA ILE C 228 -28.53 19.80 -2.92
C ILE C 228 -27.90 18.38 -2.86
N VAL C 229 -27.31 18.00 -1.73
CA VAL C 229 -26.76 16.62 -1.61
C VAL C 229 -27.82 15.60 -1.14
N HIS C 230 -29.02 16.10 -0.83
CA HIS C 230 -30.19 15.29 -0.42
C HIS C 230 -29.97 14.61 0.93
N GLY C 231 -29.21 15.26 1.80
CA GLY C 231 -28.82 14.70 3.09
C GLY C 231 -30.00 14.63 4.05
N GLU C 232 -29.97 13.61 4.90
CA GLU C 232 -31.05 13.40 5.84
C GLU C 232 -30.53 13.54 7.26
N PHE C 233 -29.31 13.05 7.50
CA PHE C 233 -28.68 13.27 8.77
C PHE C 233 -27.19 13.47 8.50
N VAL C 234 -26.76 14.72 8.48
CA VAL C 234 -25.39 15.04 8.07
C VAL C 234 -24.79 16.15 8.93
N SER C 235 -23.46 16.19 8.98
CA SER C 235 -22.75 17.37 9.41
C SER C 235 -22.19 18.11 8.21
N ILE C 236 -21.90 19.39 8.40
CA ILE C 236 -21.42 20.26 7.34
C ILE C 236 -20.28 21.07 7.94
N ASP C 237 -19.11 21.05 7.29
CA ASP C 237 -18.01 21.88 7.73
C ASP C 237 -17.92 23.11 6.84
N ILE C 238 -17.85 24.27 7.50
CA ILE C 238 -17.92 25.57 6.86
C ILE C 238 -16.65 26.38 7.12
N LEU C 239 -16.17 27.08 6.10
CA LEU C 239 -15.07 28.01 6.31
C LEU C 239 -15.51 29.41 6.01
N GLU C 240 -15.15 30.34 6.90
CA GLU C 240 -15.38 31.77 6.63
C GLU C 240 -14.37 32.32 5.61
N HIS C 241 -14.88 33.06 4.63
CA HIS C 241 -14.07 33.59 3.55
C HIS C 241 -14.29 35.10 3.54
N PRO C 242 -13.20 35.89 3.34
CA PRO C 242 -13.32 37.35 3.34
C PRO C 242 -14.28 37.95 2.30
N ASN C 243 -14.44 37.29 1.14
CA ASN C 243 -15.27 37.80 0.04
CA ASN C 243 -15.30 37.83 0.10
C ASN C 243 -16.53 36.97 -0.19
N LYS C 244 -16.40 35.66 -0.05
CA LYS C 244 -17.54 34.76 -0.26
C LYS C 244 -18.46 34.66 0.95
N GLY C 245 -17.98 35.13 2.10
CA GLY C 245 -18.73 35.03 3.36
C GLY C 245 -18.58 33.69 4.06
N TYR C 246 -19.23 32.68 3.51
CA TYR C 246 -19.11 31.30 4.01
C TYR C 246 -18.97 30.35 2.83
N VAL C 247 -17.99 29.45 2.90
CA VAL C 247 -17.87 28.44 1.84
C VAL C 247 -18.03 27.05 2.45
N VAL C 248 -18.58 26.11 1.68
CA VAL C 248 -18.73 24.75 2.18
C VAL C 248 -17.47 23.96 1.92
N ASN C 249 -16.90 23.37 2.97
CA ASN C 249 -15.67 22.59 2.83
C ASN C 249 -15.89 21.09 2.72
N GLU C 250 -16.83 20.57 3.50
CA GLU C 250 -17.01 19.14 3.72
C GLU C 250 -18.46 18.85 4.14
N LEU C 251 -19.02 17.72 3.68
CA LEU C 251 -20.19 17.11 4.33
C LEU C 251 -19.85 15.72 4.87
N ASN C 252 -20.38 15.37 6.04
CA ASN C 252 -20.15 14.03 6.59
C ASN C 252 -21.48 13.29 6.71
N ASP C 253 -21.54 12.12 6.06
CA ASP C 253 -22.77 11.32 6.02
C ASP C 253 -22.96 10.37 7.20
N VAL C 254 -21.94 10.24 8.05
CA VAL C 254 -22.10 9.54 9.33
C VAL C 254 -21.55 10.45 10.41
N PRO C 255 -22.29 11.53 10.72
CA PRO C 255 -21.67 12.55 11.56
C PRO C 255 -21.54 12.10 13.00
N GLU C 256 -20.41 12.46 13.59
CA GLU C 256 -20.21 12.33 15.03
C GLU C 256 -20.91 13.50 15.68
N PHE C 257 -21.35 13.33 16.93
CA PHE C 257 -22.04 14.42 17.63
C PHE C 257 -21.88 14.50 19.16
N LYS C 258 -20.89 13.82 19.73
CA LYS C 258 -20.64 14.01 21.16
C LYS C 258 -20.02 15.38 21.47
N GLY C 259 -19.11 15.84 20.61
CA GLY C 259 -18.56 17.18 20.72
C GLY C 259 -19.56 18.27 20.34
N PHE C 260 -20.52 17.90 19.49
CA PHE C 260 -21.61 18.78 19.10
C PHE C 260 -22.62 18.96 20.24
N MET C 261 -23.00 17.84 20.86
CA MET C 261 -23.98 17.85 21.95
C MET C 261 -23.52 18.69 23.13
N VAL C 262 -22.22 18.67 23.40
CA VAL C 262 -21.68 19.41 24.54
C VAL C 262 -21.57 20.91 24.27
N ALA C 263 -21.26 21.29 23.02
CA ALA C 263 -21.24 22.70 22.64
C ALA C 263 -22.63 23.29 22.49
N THR C 264 -23.57 22.52 21.98
CA THR C 264 -24.86 23.10 21.60
C THR C 264 -26.02 22.82 22.55
N ASN C 265 -25.89 21.80 23.40
CA ASN C 265 -27.00 21.35 24.26
C ASN C 265 -28.16 20.69 23.52
N ILE C 266 -27.93 20.30 22.26
CA ILE C 266 -28.98 19.70 21.45
C ILE C 266 -28.95 18.18 21.58
N ASN C 267 -30.11 17.60 21.90
CA ASN C 267 -30.25 16.16 21.97
C ASN C 267 -30.41 15.65 20.55
N VAL C 268 -29.27 15.46 19.88
CA VAL C 268 -29.25 15.04 18.49
C VAL C 268 -30.04 13.76 18.30
N ALA C 269 -29.75 12.75 19.11
CA ALA C 269 -30.43 11.45 19.03
C ALA C 269 -31.96 11.57 19.10
N GLN C 270 -32.47 12.33 20.06
CA GLN C 270 -33.91 12.63 20.16
C GLN C 270 -34.47 13.26 18.88
N LYS C 271 -33.80 14.31 18.39
CA LYS C 271 -34.21 14.97 17.14
C LYS C 271 -34.26 13.95 16.00
N LEU C 272 -33.23 13.10 15.91
CA LEU C 272 -33.23 12.03 14.89
C LEU C 272 -34.44 11.09 14.97
N VAL C 273 -34.70 10.54 16.15
CA VAL C 273 -35.83 9.60 16.27
C VAL C 273 -37.20 10.29 16.04
N GLU C 274 -37.34 11.51 16.52
CA GLU C 274 -38.54 12.30 16.20
C GLU C 274 -38.72 12.43 14.71
N TYR C 275 -37.63 12.80 14.02
CA TYR C 275 -37.66 12.91 12.57
C TYR C 275 -38.14 11.61 11.93
N ILE C 276 -37.55 10.48 12.35
CA ILE C 276 -37.91 9.17 11.80
C ILE C 276 -39.39 8.83 12.04
N LYS C 277 -39.88 9.11 13.24
CA LYS C 277 -41.30 8.87 13.56
C LYS C 277 -42.24 9.66 12.65
N GLU C 278 -41.89 10.92 12.40
CA GLU C 278 -42.71 11.80 11.57
C GLU C 278 -42.85 11.33 10.12
N ASN C 279 -41.80 10.68 9.62
CA ASN C 279 -41.67 10.46 8.19
C ASN C 279 -41.72 9.03 7.72
N TYR C 280 -41.54 8.10 8.65
CA TYR C 280 -41.46 6.68 8.27
C TYR C 280 -42.42 5.78 9.05
N SER C 281 -43.23 6.40 9.91
CA SER C 281 -44.35 5.75 10.60
C SER C 281 -45.56 5.70 9.69
N LYS C 282 -45.94 4.49 9.27
CA LYS C 282 -47.03 4.24 8.31
C LYS C 282 -46.74 4.87 6.93
N MET D 1 -23.00 22.34 -31.91
CA MET D 1 -22.64 21.43 -30.80
C MET D 1 -21.13 21.25 -30.76
N ARG D 2 -20.54 21.13 -29.57
CA ARG D 2 -19.17 20.61 -29.49
C ARG D 2 -18.88 19.65 -28.35
N VAL D 3 -17.92 18.78 -28.60
CA VAL D 3 -17.65 17.60 -27.78
C VAL D 3 -16.22 17.65 -27.24
N VAL D 4 -16.05 17.22 -25.97
CA VAL D 4 -14.73 16.92 -25.45
C VAL D 4 -14.58 15.42 -25.28
N LEU D 5 -13.51 14.88 -25.84
CA LEU D 5 -13.12 13.52 -25.57
C LEU D 5 -12.11 13.49 -24.43
N ILE D 6 -12.53 12.96 -23.28
CA ILE D 6 -11.67 12.88 -22.10
C ILE D 6 -10.93 11.54 -22.04
N VAL D 7 -9.60 11.60 -22.08
CA VAL D 7 -8.78 10.41 -22.07
C VAL D 7 -7.64 10.45 -21.04
N ASP D 8 -7.04 9.30 -20.78
CA ASP D 8 -5.73 9.29 -20.14
C ASP D 8 -4.76 8.46 -20.96
N ILE D 9 -5.04 7.16 -21.07
CA ILE D 9 -4.27 6.26 -21.93
C ILE D 9 -5.07 6.09 -23.24
N VAL D 10 -4.52 6.55 -24.35
CA VAL D 10 -5.23 6.46 -25.64
C VAL D 10 -5.07 5.03 -26.17
N ARG D 11 -6.19 4.31 -26.26
CA ARG D 11 -6.23 2.96 -26.80
C ARG D 11 -6.88 3.06 -28.17
N GLN D 12 -6.96 1.92 -28.87
CA GLN D 12 -7.64 1.88 -30.17
C GLN D 12 -9.04 2.47 -30.11
N GLU D 13 -9.77 2.17 -29.03
CA GLU D 13 -11.11 2.72 -28.81
C GLU D 13 -11.17 4.24 -28.89
N GLU D 14 -10.25 4.91 -28.19
CA GLU D 14 -10.23 6.36 -28.18
C GLU D 14 -9.88 6.95 -29.57
N LYS D 15 -8.94 6.31 -30.25
CA LYS D 15 -8.58 6.72 -31.63
C LYS D 15 -9.80 6.62 -32.53
N LEU D 16 -10.52 5.51 -32.40
CA LEU D 16 -11.74 5.24 -33.16
C LEU D 16 -12.84 6.25 -32.91
N ILE D 17 -13.05 6.65 -31.65
CA ILE D 17 -14.02 7.69 -31.35
C ILE D 17 -13.58 9.02 -31.96
N ALA D 18 -12.31 9.36 -31.75
CA ALA D 18 -11.73 10.58 -32.30
C ALA D 18 -11.96 10.63 -33.83
N LYS D 19 -11.57 9.57 -34.52
CA LYS D 19 -11.74 9.51 -35.98
C LYS D 19 -13.20 9.65 -36.39
N ALA D 20 -14.08 8.95 -35.66
CA ALA D 20 -15.52 9.03 -35.88
C ALA D 20 -16.09 10.44 -35.70
N LEU D 21 -15.53 11.20 -34.75
CA LEU D 21 -15.96 12.59 -34.56
C LEU D 21 -15.54 13.43 -35.78
N GLU D 22 -14.31 13.23 -36.22
CA GLU D 22 -13.77 13.97 -37.35
C GLU D 22 -14.51 13.64 -38.65
N GLU D 23 -14.74 12.34 -38.88
CA GLU D 23 -15.41 11.88 -40.09
C GLU D 23 -16.89 12.23 -40.17
N ASN D 24 -17.52 12.49 -39.02
CA ASN D 24 -18.91 12.95 -38.99
C ASN D 24 -19.05 14.45 -38.83
N LYS D 25 -17.91 15.15 -38.91
CA LYS D 25 -17.86 16.61 -38.89
C LYS D 25 -18.42 17.19 -37.58
N VAL D 26 -18.08 16.53 -36.46
CA VAL D 26 -18.38 17.06 -35.14
C VAL D 26 -17.18 17.84 -34.63
N GLN D 27 -17.43 19.07 -34.21
CA GLN D 27 -16.43 19.91 -33.58
C GLN D 27 -16.04 19.24 -32.24
N TYR D 28 -14.78 18.82 -32.12
CA TYR D 28 -14.32 18.19 -30.86
C TYR D 28 -12.94 18.64 -30.39
N ASP D 29 -12.73 18.62 -29.07
CA ASP D 29 -11.39 18.74 -28.51
C ASP D 29 -11.08 17.44 -27.75
N ILE D 30 -9.81 17.11 -27.61
CA ILE D 30 -9.47 16.07 -26.66
C ILE D 30 -8.70 16.67 -25.47
N ILE D 31 -9.08 16.27 -24.26
CA ILE D 31 -8.36 16.68 -23.04
C ILE D 31 -7.85 15.42 -22.36
N ASN D 32 -6.54 15.33 -22.24
CA ASN D 32 -5.92 14.22 -21.59
C ASN D 32 -5.71 14.54 -20.11
N VAL D 33 -6.51 13.90 -19.27
CA VAL D 33 -6.54 14.20 -17.83
C VAL D 33 -5.43 13.52 -17.02
N ALA D 34 -4.60 12.72 -17.70
CA ALA D 34 -3.34 12.29 -17.12
C ALA D 34 -2.30 13.39 -17.31
N GLN D 35 -2.65 14.43 -18.08
CA GLN D 35 -1.69 15.51 -18.37
C GLN D 35 -2.15 16.88 -17.91
N GLU D 36 -3.45 17.14 -17.98
CA GLU D 36 -3.98 18.46 -17.71
C GLU D 36 -4.91 18.42 -16.52
N PRO D 37 -4.89 19.48 -15.71
CA PRO D 37 -5.85 19.57 -14.64
C PRO D 37 -7.21 20.07 -15.12
N LEU D 38 -8.22 19.88 -14.26
CA LEU D 38 -9.60 20.30 -14.51
C LEU D 38 -10.09 21.25 -13.41
N PRO D 39 -10.19 22.55 -13.75
CA PRO D 39 -10.69 23.50 -12.76
C PRO D 39 -12.21 23.42 -12.64
N PHE D 40 -12.71 23.70 -11.43
CA PHE D 40 -14.14 23.93 -11.25
C PHE D 40 -14.39 25.35 -11.73
N ASN D 41 -14.82 25.48 -12.98
CA ASN D 41 -14.98 26.79 -13.62
C ASN D 41 -16.17 26.79 -14.56
N LYS D 42 -16.47 27.94 -15.14
CA LYS D 42 -17.56 27.99 -16.12
C LYS D 42 -17.08 27.72 -17.53
N ALA D 43 -15.75 27.80 -17.73
CA ALA D 43 -15.13 27.73 -19.05
C ALA D 43 -15.37 26.43 -19.83
N LEU D 44 -15.31 25.29 -19.14
CA LEU D 44 -15.57 23.97 -19.74
C LEU D 44 -17.01 23.84 -20.23
N GLY D 45 -17.88 24.72 -19.72
CA GLY D 45 -19.25 24.85 -20.19
C GLY D 45 -19.37 25.11 -21.69
N ARG D 46 -18.24 25.41 -22.33
CA ARG D 46 -18.19 25.53 -23.78
C ARG D 46 -18.54 24.22 -24.48
N TYR D 47 -18.27 23.09 -23.82
CA TYR D 47 -18.66 21.78 -24.35
C TYR D 47 -20.10 21.44 -24.02
N ASP D 48 -20.81 20.93 -25.02
CA ASP D 48 -22.17 20.46 -24.82
C ASP D 48 -22.14 19.05 -24.24
N VAL D 49 -21.24 18.23 -24.76
CA VAL D 49 -21.16 16.81 -24.39
C VAL D 49 -19.73 16.38 -24.16
N ALA D 50 -19.51 15.65 -23.07
CA ALA D 50 -18.22 15.02 -22.83
C ALA D 50 -18.34 13.50 -22.95
N ILE D 51 -17.40 12.91 -23.66
CA ILE D 51 -17.29 11.44 -23.81
C ILE D 51 -16.18 11.02 -22.86
N ILE D 52 -16.59 10.36 -21.78
CA ILE D 52 -15.69 9.99 -20.69
C ILE D 52 -14.98 8.66 -20.96
N ARG D 53 -13.68 8.74 -21.25
CA ARG D 53 -12.89 7.59 -21.64
C ARG D 53 -11.63 7.24 -20.80
N PRO D 54 -11.39 7.90 -19.65
CA PRO D 54 -10.18 7.40 -18.96
C PRO D 54 -10.31 5.93 -18.55
N VAL D 55 -9.19 5.21 -18.70
CA VAL D 55 -9.04 3.80 -18.30
C VAL D 55 -9.17 3.62 -16.78
N SER D 56 -8.66 4.59 -16.03
CA SER D 56 -8.76 4.56 -14.58
C SER D 56 -10.15 4.99 -14.08
N MET D 57 -10.73 4.21 -13.15
CA MET D 57 -12.07 4.51 -12.62
C MET D 57 -12.11 5.87 -11.92
N TYR D 58 -11.13 6.16 -11.07
CA TYR D 58 -11.16 7.45 -10.39
C TYR D 58 -11.08 8.57 -11.40
N ARG D 59 -10.29 8.41 -12.47
CA ARG D 59 -10.16 9.49 -13.45
C ARG D 59 -11.48 9.72 -14.23
N ALA D 60 -12.20 8.63 -14.52
CA ALA D 60 -13.52 8.74 -15.19
C ALA D 60 -14.50 9.44 -14.26
N LEU D 61 -14.55 8.98 -13.00
CA LEU D 61 -15.46 9.53 -12.02
C LEU D 61 -15.26 11.04 -11.86
N TYR D 62 -14.01 11.43 -11.58
CA TYR D 62 -13.71 12.83 -11.25
C TYR D 62 -13.76 13.74 -12.46
N SER D 63 -13.35 13.25 -13.62
CA SER D 63 -13.39 14.11 -14.81
C SER D 63 -14.83 14.41 -15.17
N SER D 64 -15.69 13.39 -15.04
CA SER D 64 -17.12 13.54 -15.28
C SER D 64 -17.75 14.50 -14.29
N ALA D 65 -17.41 14.35 -13.00
CA ALA D 65 -17.94 15.24 -11.95
C ALA D 65 -17.58 16.71 -12.20
N VAL D 66 -16.33 16.97 -12.57
CA VAL D 66 -15.89 18.35 -12.79
C VAL D 66 -16.61 18.96 -14.00
N LEU D 67 -16.71 18.18 -15.07
CA LEU D 67 -17.42 18.63 -16.27
C LEU D 67 -18.89 18.89 -16.00
N GLU D 68 -19.52 18.03 -15.20
CA GLU D 68 -20.92 18.23 -14.77
C GLU D 68 -21.13 19.52 -14.00
N ALA D 69 -20.14 19.91 -13.18
CA ALA D 69 -20.19 21.14 -12.43
C ALA D 69 -20.30 22.36 -13.35
N ALA D 70 -19.70 22.24 -14.54
CA ALA D 70 -19.69 23.31 -15.52
C ALA D 70 -20.94 23.25 -16.41
N GLY D 71 -21.81 22.27 -16.14
CA GLY D 71 -23.03 22.07 -16.90
C GLY D 71 -22.91 21.21 -18.15
N VAL D 72 -21.77 20.56 -18.35
CA VAL D 72 -21.53 19.70 -19.53
C VAL D 72 -22.25 18.36 -19.38
N HIS D 73 -22.90 17.90 -20.46
CA HIS D 73 -23.55 16.58 -20.41
C HIS D 73 -22.54 15.47 -20.59
N THR D 74 -22.31 14.69 -19.54
CA THR D 74 -21.29 13.64 -19.60
C THR D 74 -21.84 12.27 -19.94
N ILE D 75 -21.14 11.59 -20.83
CA ILE D 75 -21.42 10.22 -21.20
C ILE D 75 -20.22 9.37 -20.81
N ASN D 76 -20.33 8.57 -19.73
CA ASN D 76 -21.46 8.52 -18.81
C ASN D 76 -21.36 9.54 -17.66
N SER D 77 -22.41 9.65 -16.86
CA SER D 77 -22.42 10.60 -15.76
C SER D 77 -21.64 10.06 -14.54
N SER D 78 -21.30 10.95 -13.61
CA SER D 78 -20.51 10.53 -12.44
C SER D 78 -21.29 9.60 -11.54
N ASP D 79 -22.59 9.85 -11.34
CA ASP D 79 -23.37 8.96 -10.49
C ASP D 79 -23.46 7.58 -11.14
N VAL D 80 -23.56 7.56 -12.47
CA VAL D 80 -23.61 6.28 -13.20
C VAL D 80 -22.26 5.56 -13.14
N ILE D 81 -21.18 6.33 -13.18
CA ILE D 81 -19.85 5.75 -13.09
C ILE D 81 -19.67 5.17 -11.69
N ASN D 82 -20.19 5.88 -10.69
CA ASN D 82 -20.05 5.40 -9.31
C ASN D 82 -20.79 4.05 -9.12
N VAL D 83 -21.96 3.93 -9.73
CA VAL D 83 -22.77 2.70 -9.63
C VAL D 83 -22.17 1.54 -10.42
N CYS D 84 -21.91 1.76 -11.71
CA CYS D 84 -21.36 0.73 -12.59
C CYS D 84 -19.99 0.23 -12.14
N GLY D 85 -19.19 1.16 -11.59
CA GLY D 85 -17.86 0.86 -11.13
C GLY D 85 -17.84 0.00 -9.88
N ASP D 86 -19.01 -0.26 -9.31
CA ASP D 86 -19.05 -0.96 -8.02
C ASP D 86 -20.09 -2.03 -8.10
N LYS D 87 -19.64 -3.29 -8.03
CA LYS D 87 -20.56 -4.41 -8.20
C LYS D 87 -21.64 -4.48 -7.14
N ILE D 88 -21.32 -4.08 -5.91
CA ILE D 88 -22.34 -4.10 -4.83
C ILE D 88 -23.46 -3.10 -5.09
N LEU D 89 -23.08 -1.89 -5.49
CA LEU D 89 -24.04 -0.86 -5.88
C LEU D 89 -24.86 -1.27 -7.10
N THR D 90 -24.18 -1.81 -8.11
CA THR D 90 -24.86 -2.37 -9.29
C THR D 90 -25.85 -3.50 -8.92
N TYR D 91 -25.38 -4.51 -8.18
CA TYR D 91 -26.27 -5.59 -7.72
C TYR D 91 -27.43 -5.08 -6.90
N SER D 92 -27.16 -4.12 -6.03
CA SER D 92 -28.24 -3.52 -5.23
C SER D 92 -29.41 -2.94 -6.08
N LYS D 93 -29.08 -2.16 -7.11
CA LYS D 93 -30.10 -1.57 -8.01
C LYS D 93 -30.83 -2.66 -8.78
N LEU D 94 -30.06 -3.64 -9.28
CA LEU D 94 -30.62 -4.68 -10.15
C LEU D 94 -31.54 -5.59 -9.35
N TYR D 95 -31.10 -5.97 -8.15
CA TYR D 95 -31.89 -6.82 -7.26
C TYR D 95 -33.23 -6.20 -6.84
N ARG D 96 -33.20 -4.92 -6.51
CA ARG D 96 -34.42 -4.18 -6.17
C ARG D 96 -35.50 -4.26 -7.27
N GLU D 97 -35.09 -4.23 -8.55
CA GLU D 97 -36.04 -4.33 -9.68
C GLU D 97 -36.32 -5.76 -10.18
N GLY D 98 -35.69 -6.75 -9.56
CA GLY D 98 -35.92 -8.17 -9.92
C GLY D 98 -35.19 -8.63 -11.17
N ILE D 99 -34.16 -7.88 -11.59
CA ILE D 99 -33.28 -8.31 -12.68
C ILE D 99 -32.36 -9.38 -12.08
N PRO D 100 -32.23 -10.54 -12.73
CA PRO D 100 -31.41 -11.60 -12.10
C PRO D 100 -29.94 -11.25 -11.97
N ILE D 101 -29.37 -11.59 -10.81
CA ILE D 101 -27.94 -11.46 -10.54
C ILE D 101 -27.41 -12.80 -10.00
N PRO D 102 -26.08 -12.97 -9.94
CA PRO D 102 -25.64 -14.20 -9.26
C PRO D 102 -26.00 -14.09 -7.77
N ASP D 103 -26.45 -15.20 -7.17
CA ASP D 103 -26.71 -15.27 -5.72
C ASP D 103 -25.53 -14.74 -4.97
N SER D 104 -25.71 -13.68 -4.18
CA SER D 104 -24.59 -12.97 -3.54
C SER D 104 -24.86 -12.67 -2.09
N ILE D 105 -23.83 -12.83 -1.27
CA ILE D 105 -23.89 -12.39 0.12
C ILE D 105 -22.78 -11.38 0.32
N ILE D 106 -23.10 -10.27 0.97
CA ILE D 106 -22.10 -9.24 1.19
C ILE D 106 -21.51 -9.38 2.59
N ALA D 107 -20.18 -9.45 2.65
CA ALA D 107 -19.44 -9.58 3.92
C ALA D 107 -18.40 -8.49 4.08
N LEU D 108 -18.52 -7.73 5.16
CA LEU D 108 -17.70 -6.53 5.30
C LEU D 108 -16.64 -6.65 6.40
N SER D 109 -16.31 -7.88 6.77
CA SER D 109 -15.21 -8.16 7.70
C SER D 109 -14.77 -9.60 7.55
N ALA D 110 -13.62 -9.91 8.15
CA ALA D 110 -13.12 -11.28 8.21
C ALA D 110 -14.11 -12.22 8.82
N GLU D 111 -14.65 -11.85 9.99
CA GLU D 111 -15.68 -12.65 10.68
C GLU D 111 -16.93 -12.87 9.86
N ALA D 112 -17.43 -11.80 9.23
CA ALA D 112 -18.62 -11.86 8.40
C ALA D 112 -18.40 -12.71 7.15
N ALA D 113 -17.21 -12.62 6.58
CA ALA D 113 -16.85 -13.43 5.41
C ALA D 113 -16.92 -14.94 5.72
N LEU D 114 -16.28 -15.36 6.81
CA LEU D 114 -16.32 -16.77 7.22
C LEU D 114 -17.74 -17.27 7.40
N LYS D 115 -18.60 -16.40 7.95
CA LYS D 115 -20.00 -16.74 8.14
C LYS D 115 -20.70 -16.94 6.81
N ALA D 116 -20.39 -16.08 5.84
CA ALA D 116 -21.00 -16.17 4.53
C ALA D 116 -20.58 -17.48 3.83
N TYR D 117 -19.30 -17.79 3.86
CA TYR D 117 -18.82 -19.06 3.32
C TYR D 117 -19.63 -20.25 3.87
N GLU D 118 -19.80 -20.26 5.21
CA GLU D 118 -20.53 -21.34 5.89
C GLU D 118 -22.01 -21.35 5.55
N GLN D 119 -22.62 -20.17 5.43
CA GLN D 119 -24.02 -20.07 5.05
C GLN D 119 -24.20 -20.63 3.66
N ARG D 120 -23.22 -20.36 2.80
CA ARG D 120 -23.28 -20.70 1.38
C ARG D 120 -22.78 -22.09 0.99
N GLY D 121 -21.71 -22.56 1.64
CA GLY D 121 -21.07 -23.83 1.25
C GLY D 121 -20.11 -23.70 0.06
N PHE D 122 -19.33 -24.74 -0.19
CA PHE D 122 -18.22 -24.72 -1.16
C PHE D 122 -18.46 -25.69 -2.34
N PRO D 123 -17.93 -25.39 -3.54
CA PRO D 123 -17.12 -24.23 -3.87
C PRO D 123 -18.02 -23.01 -3.96
N LEU D 124 -17.41 -21.84 -3.85
CA LEU D 124 -18.09 -20.57 -4.02
C LEU D 124 -17.11 -19.60 -4.67
N ILE D 125 -17.64 -18.46 -5.09
CA ILE D 125 -16.82 -17.40 -5.66
C ILE D 125 -16.75 -16.26 -4.64
N ASP D 126 -15.55 -15.70 -4.46
CA ASP D 126 -15.40 -14.52 -3.62
C ASP D 126 -14.62 -13.51 -4.42
N LYS D 127 -15.20 -12.33 -4.63
CA LYS D 127 -14.57 -11.24 -5.37
C LYS D 127 -14.87 -9.88 -4.72
N PRO D 128 -13.98 -8.87 -4.93
CA PRO D 128 -14.26 -7.58 -4.35
C PRO D 128 -15.27 -6.80 -5.22
N PRO D 129 -15.74 -5.64 -4.73
CA PRO D 129 -16.75 -4.89 -5.48
C PRO D 129 -16.20 -4.10 -6.67
N ILE D 130 -14.90 -3.84 -6.70
CA ILE D 130 -14.46 -2.84 -7.66
C ILE D 130 -14.35 -3.36 -9.10
N GLY D 131 -13.42 -4.26 -9.37
CA GLY D 131 -13.13 -4.62 -10.76
C GLY D 131 -11.63 -4.71 -10.85
N SER D 132 -11.14 -5.65 -11.66
CA SER D 132 -9.74 -6.02 -11.55
C SER D 132 -9.21 -6.87 -12.70
N TRP D 133 -9.90 -6.89 -13.85
CA TRP D 133 -9.59 -7.80 -14.96
C TRP D 133 -9.66 -9.30 -14.54
N GLY D 134 -10.56 -9.60 -13.60
CA GLY D 134 -10.69 -10.95 -13.08
C GLY D 134 -9.67 -11.24 -12.00
N ARG D 135 -8.79 -10.28 -11.77
CA ARG D 135 -7.91 -10.38 -10.63
C ARG D 135 -8.78 -10.25 -9.37
N LEU D 136 -8.40 -11.05 -8.41
CA LEU D 136 -9.02 -11.14 -7.12
C LEU D 136 -10.38 -11.83 -7.18
N VAL D 137 -10.76 -12.38 -8.33
CA VAL D 137 -11.91 -13.30 -8.33
C VAL D 137 -11.40 -14.68 -7.94
N SER D 138 -11.83 -15.16 -6.78
CA SER D 138 -11.30 -16.40 -6.20
C SER D 138 -12.35 -17.49 -6.22
N LEU D 139 -11.95 -18.68 -6.67
CA LEU D 139 -12.80 -19.87 -6.51
C LEU D 139 -12.37 -20.53 -5.21
N ILE D 140 -13.19 -20.39 -4.19
CA ILE D 140 -12.88 -20.89 -2.85
C ILE D 140 -13.39 -22.29 -2.66
N ARG D 141 -12.47 -23.22 -2.41
CA ARG D 141 -12.84 -24.63 -2.24
C ARG D 141 -13.13 -25.06 -0.81
N ASP D 142 -12.58 -24.36 0.17
CA ASP D 142 -12.74 -24.73 1.57
C ASP D 142 -12.43 -23.57 2.52
N VAL D 143 -12.61 -23.84 3.82
CA VAL D 143 -12.38 -22.85 4.85
C VAL D 143 -10.91 -22.37 4.86
N PHE D 144 -9.95 -23.28 4.69
CA PHE D 144 -8.54 -22.86 4.70
C PHE D 144 -8.31 -21.79 3.62
N GLU D 145 -8.81 -22.05 2.41
CA GLU D 145 -8.62 -21.11 1.31
C GLU D 145 -9.28 -19.77 1.64
N GLY D 146 -10.51 -19.84 2.15
CA GLY D 146 -11.24 -18.65 2.55
C GLY D 146 -10.44 -17.81 3.53
N LYS D 147 -9.91 -18.45 4.56
CA LYS D 147 -9.14 -17.72 5.59
C LYS D 147 -7.91 -17.00 5.03
N THR D 148 -7.14 -17.66 4.17
CA THR D 148 -6.00 -16.98 3.55
C THR D 148 -6.40 -15.83 2.64
N ILE D 149 -7.47 -16.03 1.86
CA ILE D 149 -7.95 -14.96 0.97
C ILE D 149 -8.43 -13.75 1.77
N ILE D 150 -9.16 -14.03 2.85
CA ILE D 150 -9.57 -12.98 3.80
C ILE D 150 -8.36 -12.19 4.29
N GLU D 151 -7.36 -12.93 4.76
CA GLU D 151 -6.14 -12.34 5.32
C GLU D 151 -5.43 -11.44 4.31
N HIS D 152 -5.24 -11.94 3.09
CA HIS D 152 -4.64 -11.16 2.00
C HIS D 152 -5.39 -9.85 1.70
N ARG D 153 -6.71 -9.95 1.56
CA ARG D 153 -7.49 -8.78 1.12
C ARG D 153 -7.54 -7.70 2.19
N GLU D 154 -7.48 -8.12 3.45
CA GLU D 154 -7.42 -7.21 4.60
C GLU D 154 -6.23 -6.27 4.52
N LEU D 155 -5.12 -6.75 3.97
CA LEU D 155 -3.84 -6.02 3.98
C LEU D 155 -3.49 -5.27 2.67
N MET D 156 -4.51 -4.80 1.94
CA MET D 156 -4.28 -4.27 0.59
C MET D 156 -4.36 -2.74 0.35
N GLY D 157 -4.69 -1.98 1.38
CA GLY D 157 -4.52 -0.52 1.29
C GLY D 157 -5.70 0.27 0.78
N ASN D 158 -6.57 -0.36 0.00
CA ASN D 158 -7.85 0.30 -0.26
C ASN D 158 -9.04 -0.52 0.14
N SER D 159 -9.78 0.07 1.07
CA SER D 159 -10.75 -0.63 1.88
C SER D 159 -11.91 -1.26 1.13
N ALA D 160 -12.18 -0.83 -0.10
CA ALA D 160 -13.22 -1.48 -0.87
C ALA D 160 -12.90 -2.97 -0.99
N LEU D 161 -11.60 -3.29 -1.10
CA LEU D 161 -11.12 -4.68 -1.19
C LEU D 161 -11.42 -5.50 0.06
N LYS D 162 -11.82 -4.84 1.14
CA LYS D 162 -12.19 -5.53 2.37
C LYS D 162 -13.61 -6.06 2.30
N ALA D 163 -14.39 -5.59 1.32
CA ALA D 163 -15.76 -6.09 1.14
C ALA D 163 -15.75 -7.30 0.23
N HIS D 164 -16.28 -8.40 0.72
CA HIS D 164 -16.30 -9.65 0.00
C HIS D 164 -17.67 -9.86 -0.63
N ILE D 165 -17.74 -10.05 -1.94
CA ILE D 165 -18.97 -10.52 -2.55
C ILE D 165 -18.89 -12.04 -2.63
N VAL D 166 -19.65 -12.73 -1.78
CA VAL D 166 -19.64 -14.18 -1.66
C VAL D 166 -20.80 -14.77 -2.48
N GLN D 167 -20.45 -15.37 -3.60
CA GLN D 167 -21.42 -15.73 -4.64
C GLN D 167 -21.51 -17.20 -4.93
N GLU D 168 -22.62 -17.61 -5.54
CA GLU D 168 -22.73 -18.95 -6.09
C GLU D 168 -21.72 -19.03 -7.21
N TYR D 169 -21.11 -20.21 -7.34
CA TYR D 169 -20.19 -20.48 -8.42
C TYR D 169 -20.98 -21.02 -9.60
N ILE D 170 -21.08 -20.21 -10.66
CA ILE D 170 -21.89 -20.59 -11.82
C ILE D 170 -21.08 -21.46 -12.78
N GLN D 171 -21.58 -22.68 -13.01
CA GLN D 171 -21.01 -23.58 -14.01
C GLN D 171 -22.12 -24.09 -14.90
N TYR D 172 -22.04 -23.76 -16.20
CA TYR D 172 -23.14 -24.05 -17.12
C TYR D 172 -22.71 -23.98 -18.59
N LYS D 173 -22.60 -22.77 -19.12
CA LYS D 173 -22.28 -22.57 -20.55
C LYS D 173 -20.79 -22.40 -20.87
N GLY D 174 -19.95 -22.31 -19.84
CA GLY D 174 -18.50 -22.22 -20.05
C GLY D 174 -18.01 -21.00 -20.82
N ARG D 175 -18.73 -19.90 -20.66
CA ARG D 175 -18.43 -18.66 -21.36
C ARG D 175 -18.99 -17.43 -20.65
N ASP D 176 -18.47 -16.27 -21.04
CA ASP D 176 -19.02 -14.97 -20.68
CA ASP D 176 -19.04 -14.98 -20.68
C ASP D 176 -19.69 -14.37 -21.90
N ILE D 177 -20.82 -13.72 -21.69
CA ILE D 177 -21.47 -12.94 -22.74
C ILE D 177 -21.32 -11.46 -22.39
N ARG D 178 -20.83 -10.68 -23.35
CA ARG D 178 -20.66 -9.24 -23.20
C ARG D 178 -21.51 -8.53 -24.24
N CYS D 179 -22.32 -7.58 -23.82
CA CYS D 179 -23.14 -6.81 -24.76
C CYS D 179 -22.81 -5.33 -24.64
N ILE D 180 -23.19 -4.54 -25.65
CA ILE D 180 -23.07 -3.09 -25.54
C ILE D 180 -24.42 -2.43 -25.81
N ALA D 181 -24.72 -1.42 -25.02
CA ALA D 181 -25.92 -0.61 -25.23
C ALA D 181 -25.56 0.86 -25.42
N ILE D 182 -26.26 1.51 -26.35
CA ILE D 182 -26.16 2.96 -26.53
C ILE D 182 -27.53 3.60 -26.34
N GLY D 183 -27.58 4.58 -25.45
CA GLY D 183 -28.85 5.23 -25.09
C GLY D 183 -29.94 4.23 -24.77
N GLU D 184 -29.58 3.20 -24.01
CA GLU D 184 -30.50 2.17 -23.51
C GLU D 184 -31.05 1.21 -24.58
N GLU D 185 -30.43 1.24 -25.75
CA GLU D 185 -30.73 0.30 -26.82
C GLU D 185 -29.55 -0.64 -27.05
N LEU D 186 -29.84 -1.93 -27.09
CA LEU D 186 -28.84 -2.97 -27.30
C LEU D 186 -28.24 -2.88 -28.72
N LEU D 187 -26.92 -2.81 -28.81
CA LEU D 187 -26.22 -2.89 -30.08
C LEU D 187 -26.01 -4.32 -30.55
N GLY D 188 -25.54 -5.17 -29.64
CA GLY D 188 -25.13 -6.52 -29.98
C GLY D 188 -24.46 -7.20 -28.80
N CYS D 189 -24.17 -8.48 -28.93
CA CYS D 189 -23.49 -9.26 -27.88
C CYS D 189 -22.49 -10.22 -28.52
N TYR D 190 -21.47 -10.60 -27.76
CA TYR D 190 -20.58 -11.69 -28.16
C TYR D 190 -20.22 -12.55 -26.96
N ALA D 191 -19.58 -13.69 -27.22
CA ALA D 191 -19.17 -14.62 -26.15
C ALA D 191 -17.69 -14.84 -26.15
N ARG D 192 -17.17 -15.01 -24.93
CA ARG D 192 -15.77 -15.31 -24.69
C ARG D 192 -15.78 -16.57 -23.82
N ASN D 193 -15.30 -17.68 -24.39
CA ASN D 193 -15.30 -18.98 -23.73
C ASN D 193 -14.20 -19.07 -22.68
N ILE D 194 -14.45 -19.83 -21.62
CA ILE D 194 -13.42 -20.10 -20.63
C ILE D 194 -12.33 -20.95 -21.29
N PRO D 195 -11.06 -20.48 -21.21
CA PRO D 195 -9.94 -21.32 -21.66
C PRO D 195 -9.83 -22.61 -20.82
N PRO D 196 -9.31 -23.70 -21.41
CA PRO D 196 -9.41 -25.06 -20.83
C PRO D 196 -8.68 -25.28 -19.50
N ASN D 197 -7.74 -24.40 -19.15
CA ASN D 197 -7.09 -24.50 -17.85
C ASN D 197 -7.48 -23.39 -16.88
N GLU D 198 -8.74 -22.98 -16.97
CA GLU D 198 -9.29 -22.01 -16.04
C GLU D 198 -10.79 -22.15 -15.82
N TRP D 199 -11.34 -21.11 -15.21
CA TRP D 199 -12.71 -21.04 -14.72
C TRP D 199 -13.17 -19.56 -14.81
N ARG D 200 -12.26 -18.69 -15.27
CA ARG D 200 -12.57 -17.29 -15.63
C ARG D 200 -12.43 -17.18 -17.15
N ALA D 201 -13.19 -16.26 -17.75
CA ALA D 201 -13.23 -16.14 -19.22
C ALA D 201 -12.48 -14.91 -19.80
N ASN D 202 -12.00 -14.03 -18.94
CA ASN D 202 -11.39 -12.75 -19.39
C ASN D 202 -10.43 -12.81 -20.57
N VAL D 203 -10.48 -11.78 -21.41
CA VAL D 203 -9.54 -11.56 -22.51
C VAL D 203 -8.11 -11.61 -21.99
N ALA D 204 -7.88 -10.95 -20.84
CA ALA D 204 -6.60 -10.95 -20.13
C ALA D 204 -6.09 -12.36 -19.80
N LEU D 205 -6.96 -13.36 -19.95
CA LEU D 205 -6.56 -14.77 -19.81
C LEU D 205 -6.66 -15.53 -21.14
N GLY D 206 -7.82 -15.50 -21.80
CA GLY D 206 -7.98 -16.17 -23.09
C GLY D 206 -9.40 -16.27 -23.63
N GLY D 207 -9.51 -16.79 -24.85
CA GLY D 207 -10.77 -16.91 -25.57
C GLY D 207 -10.90 -15.85 -26.67
N THR D 208 -10.94 -16.28 -27.92
CA THR D 208 -11.24 -15.38 -29.04
C THR D 208 -12.73 -14.97 -29.02
N PRO D 209 -13.05 -13.79 -29.57
CA PRO D 209 -14.43 -13.33 -29.56
C PRO D 209 -15.26 -13.85 -30.74
N SER D 210 -16.48 -14.31 -30.43
CA SER D 210 -17.40 -14.84 -31.42
C SER D 210 -18.81 -14.30 -31.20
N ASN D 211 -19.44 -13.89 -32.29
CA ASN D 211 -20.82 -13.38 -32.32
C ASN D 211 -21.82 -14.29 -31.62
N ILE D 212 -22.85 -13.69 -31.04
CA ILE D 212 -23.94 -14.45 -30.41
C ILE D 212 -25.30 -14.14 -31.04
N GLU D 213 -26.11 -15.18 -31.23
CA GLU D 213 -27.52 -15.01 -31.59
C GLU D 213 -28.30 -14.57 -30.35
N VAL D 214 -28.65 -13.29 -30.29
CA VAL D 214 -29.31 -12.73 -29.11
C VAL D 214 -30.80 -13.06 -29.13
N ASP D 215 -31.24 -13.92 -28.19
CA ASP D 215 -32.67 -14.23 -28.09
C ASP D 215 -33.39 -13.10 -27.37
N GLU D 216 -34.71 -13.18 -27.31
CA GLU D 216 -35.52 -12.10 -26.74
C GLU D 216 -35.28 -11.90 -25.25
N LYS D 217 -35.12 -13.02 -24.54
CA LYS D 217 -34.87 -12.99 -23.09
C LYS D 217 -33.55 -12.28 -22.76
N LEU D 218 -32.51 -12.55 -23.53
CA LEU D 218 -31.22 -11.87 -23.39
C LEU D 218 -31.32 -10.36 -23.71
N LYS D 219 -31.93 -10.04 -24.86
CA LYS D 219 -32.14 -8.64 -25.22
C LYS D 219 -32.79 -7.85 -24.09
N GLU D 220 -33.89 -8.37 -23.55
CA GLU D 220 -34.67 -7.68 -22.52
C GLU D 220 -33.91 -7.54 -21.20
N THR D 221 -33.13 -8.57 -20.84
CA THR D 221 -32.29 -8.49 -19.65
C THR D 221 -31.33 -7.30 -19.74
N VAL D 222 -30.60 -7.20 -20.84
CA VAL D 222 -29.66 -6.11 -21.12
C VAL D 222 -30.38 -4.76 -21.02
N VAL D 223 -31.43 -4.60 -21.82
CA VAL D 223 -32.17 -3.32 -21.85
C VAL D 223 -32.68 -2.91 -20.47
N LYS D 224 -33.30 -3.84 -19.74
CA LYS D 224 -33.81 -3.53 -18.39
CA LYS D 224 -33.81 -3.56 -18.39
C LYS D 224 -32.68 -3.12 -17.45
N ALA D 225 -31.57 -3.84 -17.51
CA ALA D 225 -30.41 -3.56 -16.67
C ALA D 225 -29.78 -2.20 -16.98
N VAL D 226 -29.50 -1.93 -18.25
CA VAL D 226 -28.91 -0.64 -18.62
C VAL D 226 -29.85 0.52 -18.30
N SER D 227 -31.15 0.27 -18.28
CA SER D 227 -32.13 1.31 -18.05
C SER D 227 -32.20 1.72 -16.60
N ILE D 228 -32.19 0.72 -15.73
CA ILE D 228 -32.20 0.88 -14.29
C ILE D 228 -30.95 1.66 -13.81
N VAL D 229 -29.78 1.28 -14.29
CA VAL D 229 -28.56 2.01 -13.90
C VAL D 229 -28.34 3.30 -14.70
N HIS D 230 -29.20 3.54 -15.69
CA HIS D 230 -29.18 4.73 -16.53
C HIS D 230 -27.92 4.94 -17.34
N GLY D 231 -27.27 3.83 -17.74
CA GLY D 231 -26.07 3.93 -18.55
C GLY D 231 -26.43 4.40 -19.95
N GLU D 232 -25.69 5.40 -20.44
CA GLU D 232 -25.90 5.90 -21.79
C GLU D 232 -24.99 5.23 -22.82
N PHE D 233 -23.80 4.82 -22.40
CA PHE D 233 -22.90 4.04 -23.27
C PHE D 233 -22.12 3.08 -22.37
N VAL D 234 -22.61 1.86 -22.28
CA VAL D 234 -22.07 0.87 -21.35
C VAL D 234 -21.89 -0.47 -22.02
N SER D 235 -21.07 -1.32 -21.40
CA SER D 235 -21.12 -2.75 -21.68
C SER D 235 -21.73 -3.47 -20.48
N ILE D 236 -22.26 -4.67 -20.74
CA ILE D 236 -22.94 -5.43 -19.71
C ILE D 236 -22.40 -6.86 -19.80
N ASP D 237 -21.92 -7.38 -18.68
CA ASP D 237 -21.43 -8.78 -18.64
C ASP D 237 -22.50 -9.67 -18.04
N ILE D 238 -22.85 -10.72 -18.78
CA ILE D 238 -23.95 -11.60 -18.42
C ILE D 238 -23.46 -13.05 -18.31
N LEU D 239 -23.97 -13.77 -17.31
CA LEU D 239 -23.68 -15.21 -17.18
C LEU D 239 -24.96 -15.98 -17.39
N GLU D 240 -24.87 -17.06 -18.17
CA GLU D 240 -25.99 -17.97 -18.39
C GLU D 240 -26.11 -18.87 -17.17
N HIS D 241 -27.31 -19.00 -16.65
CA HIS D 241 -27.49 -19.65 -15.37
C HIS D 241 -28.52 -20.77 -15.54
N PRO D 242 -28.24 -21.97 -15.00
CA PRO D 242 -29.10 -23.16 -15.19
C PRO D 242 -30.58 -22.94 -14.88
N ASN D 243 -30.88 -22.10 -13.89
CA ASN D 243 -32.25 -21.82 -13.41
C ASN D 243 -32.80 -20.44 -13.81
N LYS D 244 -31.90 -19.44 -13.88
CA LYS D 244 -32.29 -18.04 -14.02
C LYS D 244 -32.25 -17.58 -15.47
N GLY D 245 -31.61 -18.38 -16.32
CA GLY D 245 -31.53 -18.09 -17.75
C GLY D 245 -30.37 -17.19 -18.10
N TYR D 246 -30.43 -15.96 -17.61
CA TYR D 246 -29.37 -14.95 -17.80
C TYR D 246 -29.31 -14.09 -16.54
N VAL D 247 -28.12 -13.97 -15.97
CA VAL D 247 -27.96 -13.09 -14.81
C VAL D 247 -26.96 -12.00 -15.17
N VAL D 248 -27.18 -10.80 -14.68
CA VAL D 248 -26.23 -9.71 -14.95
C VAL D 248 -25.08 -9.78 -13.96
N ASN D 249 -23.84 -9.84 -14.46
CA ASN D 249 -22.70 -9.94 -13.55
C ASN D 249 -22.00 -8.60 -13.25
N GLU D 250 -21.93 -7.76 -14.28
CA GLU D 250 -21.11 -6.53 -14.28
C GLU D 250 -21.74 -5.56 -15.27
N LEU D 251 -21.63 -4.26 -14.99
CA LEU D 251 -21.72 -3.23 -16.03
C LEU D 251 -20.42 -2.44 -16.06
N ASN D 252 -19.95 -2.10 -17.26
CA ASN D 252 -18.74 -1.30 -17.40
C ASN D 252 -19.12 0.07 -17.97
N ASP D 253 -18.75 1.11 -17.23
CA ASP D 253 -19.09 2.47 -17.59
C ASP D 253 -18.06 3.17 -18.53
N VAL D 254 -16.95 2.52 -18.85
CA VAL D 254 -16.04 2.96 -19.91
C VAL D 254 -15.78 1.72 -20.73
N PRO D 255 -16.79 1.33 -21.56
CA PRO D 255 -16.67 0.02 -22.17
C PRO D 255 -15.51 -0.10 -23.15
N GLU D 256 -14.84 -1.25 -23.13
CA GLU D 256 -13.91 -1.65 -24.18
CA GLU D 256 -13.90 -1.62 -24.18
C GLU D 256 -14.77 -2.08 -25.39
N PHE D 257 -14.24 -1.98 -26.60
CA PHE D 257 -15.03 -2.49 -27.75
C PHE D 257 -14.26 -3.00 -28.98
N LYS D 258 -12.95 -3.07 -28.90
CA LYS D 258 -12.22 -3.56 -30.07
C LYS D 258 -12.46 -5.07 -30.29
N GLY D 259 -12.55 -5.83 -29.20
CA GLY D 259 -13.03 -7.23 -29.26
C GLY D 259 -14.47 -7.39 -29.75
N PHE D 260 -15.34 -6.50 -29.28
CA PHE D 260 -16.76 -6.47 -29.67
C PHE D 260 -16.92 -6.21 -31.17
N MET D 261 -16.14 -5.27 -31.69
CA MET D 261 -16.13 -4.94 -33.12
C MET D 261 -15.73 -6.13 -34.00
N VAL D 262 -14.65 -6.81 -33.65
CA VAL D 262 -14.22 -7.98 -34.44
C VAL D 262 -15.24 -9.12 -34.41
N ALA D 263 -15.98 -9.24 -33.32
CA ALA D 263 -16.97 -10.31 -33.24
C ALA D 263 -18.30 -9.97 -33.91
N THR D 264 -18.70 -8.71 -33.84
CA THR D 264 -20.05 -8.31 -34.22
C THR D 264 -20.16 -7.49 -35.52
N ASN D 265 -19.01 -7.02 -36.03
CA ASN D 265 -18.95 -6.10 -37.17
C ASN D 265 -19.65 -4.75 -36.98
N ILE D 266 -20.01 -4.40 -35.75
CA ILE D 266 -20.72 -3.16 -35.48
C ILE D 266 -19.72 -2.01 -35.27
N ASN D 267 -19.92 -0.92 -36.01
CA ASN D 267 -19.11 0.28 -35.87
C ASN D 267 -19.53 1.01 -34.60
N VAL D 268 -19.02 0.56 -33.44
CA VAL D 268 -19.42 1.15 -32.16
C VAL D 268 -19.21 2.67 -32.13
N ALA D 269 -18.03 3.13 -32.50
CA ALA D 269 -17.74 4.59 -32.44
C ALA D 269 -18.68 5.41 -33.33
N GLN D 270 -18.97 4.90 -34.53
CA GLN D 270 -19.95 5.54 -35.43
C GLN D 270 -21.32 5.68 -34.81
N LYS D 271 -21.83 4.60 -34.24
CA LYS D 271 -23.12 4.61 -33.58
C LYS D 271 -23.14 5.50 -32.34
N LEU D 272 -22.01 5.56 -31.63
CA LEU D 272 -21.91 6.49 -30.51
C LEU D 272 -22.06 7.93 -31.00
N VAL D 273 -21.23 8.29 -31.99
CA VAL D 273 -21.20 9.66 -32.53
C VAL D 273 -22.53 10.08 -33.18
N GLU D 274 -23.20 9.13 -33.84
CA GLU D 274 -24.55 9.38 -34.38
C GLU D 274 -25.54 9.66 -33.26
N TYR D 275 -25.50 8.84 -32.21
CA TYR D 275 -26.39 8.99 -31.07
C TYR D 275 -26.22 10.37 -30.43
N ILE D 276 -24.97 10.78 -30.22
CA ILE D 276 -24.68 12.12 -29.67
C ILE D 276 -25.19 13.25 -30.58
N LYS D 277 -24.81 13.24 -31.85
CA LYS D 277 -25.30 14.19 -32.87
C LYS D 277 -26.82 14.32 -32.87
N GLU D 278 -27.50 13.17 -32.89
CA GLU D 278 -28.96 13.14 -32.97
C GLU D 278 -29.67 13.62 -31.70
N ASN D 279 -29.02 13.53 -30.55
CA ASN D 279 -29.68 13.84 -29.27
C ASN D 279 -29.22 15.11 -28.52
N TYR D 280 -28.06 15.66 -28.92
CA TYR D 280 -27.46 16.78 -28.18
C TYR D 280 -26.98 17.96 -29.04
N SER D 281 -27.38 17.97 -30.33
CA SER D 281 -27.04 19.07 -31.25
C SER D 281 -27.80 20.37 -30.95
N LYS D 282 -29.09 20.24 -30.62
CA LYS D 282 -29.88 21.41 -30.21
C LYS D 282 -30.92 21.02 -29.15
PB ADP E . 5.34 -16.10 10.50
O1B ADP E . 6.75 -15.54 10.52
O2B ADP E . 4.85 -16.63 11.85
O3B ADP E . 4.36 -15.11 9.93
PA ADP E . 5.90 -18.87 9.79
O1A ADP E . 6.81 -19.46 8.72
O2A ADP E . 6.34 -18.92 11.27
O3A ADP E . 5.39 -17.38 9.47
O5' ADP E . 4.63 -19.83 9.75
C5' ADP E . 3.48 -19.67 10.55
C4' ADP E . 2.95 -21.08 10.81
O4' ADP E . 2.69 -21.80 9.60
C3' ADP E . 4.01 -21.92 11.52
O3' ADP E . 3.78 -21.77 12.90
C2' ADP E . 3.71 -23.33 11.10
O2' ADP E . 2.59 -23.79 11.87
C1' ADP E . 3.17 -23.13 9.71
N9 ADP E . 4.15 -23.38 8.63
C8 ADP E . 4.98 -22.46 8.07
N7 ADP E . 5.72 -23.03 7.08
C5 ADP E . 5.36 -24.32 7.00
C6 ADP E . 5.73 -25.48 6.16
N6 ADP E . 6.68 -25.34 5.20
N1 ADP E . 5.12 -26.67 6.38
C2 ADP E . 4.17 -26.80 7.35
N3 ADP E . 3.77 -25.78 8.14
C4 ADP E . 4.31 -24.54 8.02
PB ADP F . 18.55 8.70 -3.59
O1B ADP F . 19.24 7.56 -2.87
O2B ADP F . 19.18 9.13 -4.88
O3B ADP F . 17.08 8.43 -3.80
PA ADP F . 20.03 10.88 -2.34
O1A ADP F . 20.43 10.87 -0.89
O2A ADP F . 21.10 10.48 -3.32
O3A ADP F . 18.72 9.99 -2.59
O5' ADP F . 19.62 12.39 -2.71
C5' ADP F . 19.12 12.77 -3.99
C4' ADP F . 19.77 14.10 -4.33
O4' ADP F . 19.41 15.06 -3.33
C3' ADP F . 21.30 14.04 -4.31
O3' ADP F . 21.77 13.97 -5.64
C2' ADP F . 21.76 15.33 -3.70
O2' ADP F . 22.01 16.30 -4.73
C1' ADP F . 20.54 15.82 -2.93
N9 ADP F . 20.81 15.63 -1.48
C8 ADP F . 20.61 14.52 -0.76
N7 ADP F . 20.94 14.73 0.54
C5 ADP F . 21.36 16.01 0.63
C6 ADP F . 21.88 16.88 1.70
N6 ADP F . 21.98 16.39 2.94
N1 ADP F . 22.19 18.16 1.39
C2 ADP F . 22.07 18.66 0.14
N3 ADP F . 21.63 17.91 -0.89
C4 ADP F . 21.28 16.60 -0.70
PB ADP G . -10.39 16.21 6.31
O1B ADP G . -11.51 15.72 5.41
O2B ADP G . -10.81 16.75 7.67
O3B ADP G . -9.27 15.20 6.45
PA ADP G . -10.41 18.96 5.54
O1A ADP G . -10.72 19.43 4.13
O2A ADP G . -11.49 19.07 6.61
O3A ADP G . -9.81 17.49 5.50
O5' ADP G . -9.26 19.88 6.12
C5' ADP G . -8.81 19.71 7.46
C4' ADP G . -8.51 21.10 7.97
O4' ADP G . -7.69 21.79 7.03
C3' ADP G . -9.74 21.97 8.14
O3' ADP G . -10.05 21.90 9.51
C2' ADP G . -9.30 23.38 7.77
O2' ADP G . -8.79 24.09 8.91
C1' ADP G . -8.09 23.15 6.92
N9 ADP G . -8.36 23.45 5.52
C8 ADP G . -8.79 22.58 4.59
N7 ADP G . -8.92 23.17 3.38
C5 ADP G . -8.57 24.46 3.55
C6 ADP G . -8.47 25.64 2.68
N6 ADP G . -8.78 25.53 1.36
N1 ADP G . -8.06 26.81 3.22
C2 ADP G . -7.73 26.91 4.54
N3 ADP G . -7.79 25.87 5.39
C4 ADP G . -8.20 24.64 4.96
PB ADP H . -13.90 -8.34 -13.08
O1B ADP H . -14.93 -7.24 -13.06
O2B ADP H . -13.56 -8.86 -14.47
O3B ADP H . -12.66 -7.97 -12.27
PA ADP H . -15.78 -10.48 -12.89
O1A ADP H . -16.90 -10.49 -11.88
O2A ADP H . -16.10 -9.97 -14.29
O3A ADP H . -14.54 -9.63 -12.33
O5' ADP H . -15.26 -11.98 -13.06
C5' ADP H . -14.15 -12.33 -13.89
C4' ADP H . -14.38 -13.71 -14.46
O4' ADP H . -14.71 -14.66 -13.44
C3' ADP H . -15.52 -13.69 -15.46
O3' ADP H . -14.95 -14.05 -16.71
C2' ADP H . -16.46 -14.80 -15.06
O2' ADP H . -16.33 -15.82 -16.07
C1' ADP H . -15.90 -15.36 -13.78
N9 ADP H . -16.87 -15.25 -12.68
C8 ADP H . -17.08 -14.18 -11.90
N7 ADP H . -18.05 -14.43 -10.97
C5 ADP H . -18.46 -15.70 -11.19
C6 ADP H . -19.46 -16.60 -10.59
N6 ADP H . -20.23 -16.16 -9.57
N1 ADP H . -19.57 -17.84 -11.10
C2 ADP H . -18.82 -18.28 -12.12
N3 ADP H . -17.90 -17.52 -12.74
C4 ADP H . -17.69 -16.23 -12.32
#